data_4USC
#
_entry.id   4USC
#
_cell.length_a   70.180
_cell.length_b   100.650
_cell.length_c   132.310
_cell.angle_alpha   90.00
_cell.angle_beta   90.00
_cell.angle_gamma   90.00
#
_symmetry.space_group_name_H-M   'P 21 21 21'
#
loop_
_entity.id
_entity.type
_entity.pdbx_description
1 polymer PEROXIDASE
2 branched alpha-D-mannopyranose-(1-4)-2-acetamido-2-deoxy-beta-D-glucopyranose-(1-3)-2-acetamido-2-deoxy-beta-D-glucopyranose
3 branched alpha-L-fucopyranose-(1-3)-[2-acetamido-2-deoxy-beta-D-glucopyranose-(1-4)]2-acetamido-2-deoxy-beta-D-glucopyranose
4 non-polymer 'CALCIUM ION'
5 non-polymer alpha-D-mannopyranose
6 non-polymer 2-acetamido-2-deoxy-beta-D-glucopyranose
7 non-polymer 'SULFATE ION'
8 non-polymer DI(HYDROXYETHYL)ETHER
9 non-polymer 'PROTOPORPHYRIN IX CONTAINING FE'
10 non-polymer 1,2-ETHANEDIOL
11 non-polymer 'HYDROGEN PEROXIDE'
12 water water
#
_entity_poly.entity_id   1
_entity_poly.type   'polypeptide(L)'
_entity_poly.pdbx_seq_one_letter_code
;DLQIGFYNQSCPSAESLVQQGVAAAFANNSGIAPGLIRMHFHDCFVRGCDGSVLLDSTDTNTAEKDAAPNNPSLRGFEVI
AAAKSAVEAACPKTVSCADILAFAARDSAALAGNITYQVPSGRRDGNVSLASEALTNIPAPTFNATQLINSFAGKNLTAD
EMVTLSGAHSIGVSHCFSFLNRIYNFSNTSQVDPTLSSSYADLLRTKCPSNSTRFTPITVSLDIITPTVLDNRYYTGVQL
TLGLLTSDQALVTEANLSAAVKNNADNLTAWVAEFAQAIVKMGQIEVLTGTQGEIRTNCSVVN
;
_entity_poly.pdbx_strand_id   A,B
#
loop_
_chem_comp.id
_chem_comp.type
_chem_comp.name
_chem_comp.formula
CA non-polymer 'CALCIUM ION' 'Ca 2'
EDO non-polymer 1,2-ETHANEDIOL 'C2 H6 O2'
FUC L-saccharide, alpha linking alpha-L-fucopyranose 'C6 H12 O5'
HEM non-polymer 'PROTOPORPHYRIN IX CONTAINING FE' 'C34 H32 Fe N4 O4'
MAN D-saccharide, alpha linking alpha-D-mannopyranose 'C6 H12 O6'
NAG D-saccharide, beta linking 2-acetamido-2-deoxy-beta-D-glucopyranose 'C8 H15 N O6'
PEG non-polymer DI(HYDROXYETHYL)ETHER 'C4 H10 O3'
PEO non-polymer 'HYDROGEN PEROXIDE' 'H2 O2'
SO4 non-polymer 'SULFATE ION' 'O4 S -2'
#
# COMPACT_ATOMS: atom_id res chain seq x y z
N ASP A 1 -40.84 -8.99 11.79
CA ASP A 1 -41.15 -10.08 12.77
C ASP A 1 -40.01 -11.14 12.95
N LEU A 2 -38.73 -10.73 12.88
CA LEU A 2 -37.57 -11.66 12.95
C LEU A 2 -37.03 -11.83 14.38
N GLN A 3 -36.74 -13.08 14.78
CA GLN A 3 -36.22 -13.40 16.15
C GLN A 3 -34.95 -14.22 16.13
N ILE A 4 -34.09 -13.97 17.10
CA ILE A 4 -32.95 -14.81 17.29
C ILE A 4 -33.44 -16.15 17.85
N GLY A 5 -33.02 -17.23 17.21
CA GLY A 5 -33.35 -18.59 17.64
C GLY A 5 -34.73 -19.02 17.19
N PHE A 6 -35.13 -18.53 16.01
CA PHE A 6 -36.36 -18.96 15.37
C PHE A 6 -36.44 -20.48 15.36
N TYR A 7 -35.34 -21.14 15.05
CA TYR A 7 -35.38 -22.58 14.94
C TYR A 7 -35.15 -23.33 16.27
N ASN A 8 -35.19 -22.61 17.41
CA ASN A 8 -34.97 -23.23 18.75
C ASN A 8 -35.71 -24.57 18.87
N GLN A 9 -36.96 -24.58 18.42
CA GLN A 9 -37.84 -25.77 18.50
C GLN A 9 -37.75 -26.64 17.24
N SER A 10 -37.85 -26.01 16.07
CA SER A 10 -38.03 -26.74 14.81
C SER A 10 -36.76 -27.37 14.24
N CYS A 11 -35.61 -26.71 14.46
CA CYS A 11 -34.33 -27.22 13.95
C CYS A 11 -33.19 -26.71 14.80
N PRO A 12 -33.04 -27.26 16.01
CA PRO A 12 -32.03 -26.74 16.94
C PRO A 12 -30.58 -26.83 16.44
N SER A 13 -30.27 -27.81 15.60
CA SER A 13 -28.90 -27.95 15.11
C SER A 13 -28.48 -27.01 13.94
N ALA A 14 -29.40 -26.23 13.39
CA ALA A 14 -29.21 -25.56 12.10
C ALA A 14 -28.06 -24.61 12.08
N GLU A 15 -28.07 -23.66 13.00
CA GLU A 15 -27.02 -22.65 13.06
C GLU A 15 -25.64 -23.34 13.16
N SER A 16 -25.54 -24.39 13.96
CA SER A 16 -24.30 -25.15 14.03
C SER A 16 -23.96 -25.78 12.70
N LEU A 17 -24.93 -26.39 12.04
CA LEU A 17 -24.64 -27.14 10.80
C LEU A 17 -24.16 -26.21 9.72
N VAL A 18 -24.74 -25.03 9.64
CA VAL A 18 -24.30 -24.07 8.66
C VAL A 18 -22.86 -23.64 8.99
N GLN A 19 -22.58 -23.36 10.25
CA GLN A 19 -21.23 -22.95 10.68
C GLN A 19 -20.15 -24.01 10.34
N GLN A 20 -20.53 -25.25 10.44
CA GLN A 20 -19.68 -26.35 10.02
C GLN A 20 -19.45 -26.32 8.50
N GLY A 21 -20.53 -26.24 7.74
CA GLY A 21 -20.45 -26.13 6.27
C GLY A 21 -19.41 -25.07 5.91
N VAL A 22 -19.64 -23.88 6.45
CA VAL A 22 -18.81 -22.69 6.15
C VAL A 22 -17.39 -22.92 6.63
N ALA A 23 -17.24 -23.52 7.82
CA ALA A 23 -15.89 -23.69 8.41
C ALA A 23 -15.06 -24.61 7.56
N ALA A 24 -15.67 -25.70 7.13
CA ALA A 24 -14.98 -26.64 6.27
C ALA A 24 -14.51 -25.95 4.99
N ALA A 25 -15.42 -25.24 4.33
CA ALA A 25 -15.07 -24.55 3.09
C ALA A 25 -13.98 -23.52 3.31
N PHE A 26 -14.10 -22.73 4.39
CA PHE A 26 -13.13 -21.71 4.71
C PHE A 26 -11.70 -22.25 4.79
N ALA A 27 -11.51 -23.35 5.51
CA ALA A 27 -10.19 -23.96 5.63
C ALA A 27 -9.62 -24.42 4.28
N ASN A 28 -10.46 -24.86 3.36
CA ASN A 28 -9.96 -25.17 2.00
C ASN A 28 -9.62 -23.90 1.23
N ASN A 29 -10.46 -22.88 1.33
CA ASN A 29 -10.27 -21.64 0.60
C ASN A 29 -10.93 -20.49 1.35
N SER A 30 -10.09 -19.65 1.91
CA SER A 30 -10.56 -18.62 2.83
C SER A 30 -11.34 -17.52 2.12
N GLY A 31 -11.32 -17.56 0.78
CA GLY A 31 -12.06 -16.60 -0.06
C GLY A 31 -13.59 -16.74 0.00
N ILE A 32 -14.07 -17.87 0.53
CA ILE A 32 -15.51 -18.09 0.63
C ILE A 32 -16.14 -17.18 1.67
N ALA A 33 -15.40 -16.82 2.71
CA ALA A 33 -15.91 -15.86 3.73
C ALA A 33 -16.27 -14.50 3.11
N PRO A 34 -15.29 -13.82 2.46
CA PRO A 34 -15.68 -12.60 1.74
C PRO A 34 -16.74 -12.91 0.72
N GLY A 35 -16.62 -14.00 -0.04
CA GLY A 35 -17.65 -14.32 -1.01
C GLY A 35 -19.07 -14.31 -0.39
N LEU A 36 -19.21 -14.97 0.76
CA LEU A 36 -20.56 -15.10 1.37
C LEU A 36 -21.04 -13.78 1.96
N ILE A 37 -20.14 -12.97 2.47
CA ILE A 37 -20.60 -11.70 3.01
C ILE A 37 -21.16 -10.80 1.90
N ARG A 38 -20.55 -10.83 0.71
CA ARG A 38 -21.03 -10.06 -0.43
C ARG A 38 -22.36 -10.61 -0.93
N MET A 39 -22.50 -11.92 -0.85
CA MET A 39 -23.71 -12.56 -1.36
C MET A 39 -24.87 -12.08 -0.54
N HIS A 40 -24.77 -12.19 0.78
CA HIS A 40 -25.79 -11.65 1.73
C HIS A 40 -26.18 -10.21 1.41
N PHE A 41 -25.16 -9.36 1.21
CA PHE A 41 -25.34 -7.99 0.74
C PHE A 41 -26.13 -7.94 -0.56
N HIS A 42 -25.73 -8.72 -1.56
CA HIS A 42 -26.43 -8.70 -2.87
C HIS A 42 -27.82 -9.30 -2.84
N ASP A 43 -28.05 -10.24 -1.97
CA ASP A 43 -29.41 -10.68 -1.69
C ASP A 43 -30.25 -9.51 -1.15
N CYS A 44 -29.83 -8.96 -0.01
CA CYS A 44 -30.57 -7.93 0.69
C CYS A 44 -30.88 -6.68 -0.13
N PHE A 45 -30.06 -6.34 -1.11
CA PHE A 45 -30.37 -5.15 -1.95
C PHE A 45 -31.26 -5.37 -3.17
N VAL A 46 -31.71 -6.58 -3.42
CA VAL A 46 -32.70 -6.78 -4.47
C VAL A 46 -33.84 -7.63 -3.92
N ARG A 47 -35.01 -7.00 -3.76
CA ARG A 47 -36.24 -7.62 -3.22
C ARG A 47 -36.11 -8.06 -1.79
N GLY A 48 -35.11 -7.56 -1.07
CA GLY A 48 -34.94 -7.99 0.29
C GLY A 48 -34.14 -9.27 0.43
N CYS A 49 -33.89 -9.63 1.69
CA CYS A 49 -33.11 -10.80 2.02
C CYS A 49 -34.11 -11.98 1.93
N ASP A 50 -34.26 -12.48 0.70
CA ASP A 50 -35.26 -13.49 0.37
C ASP A 50 -34.67 -14.63 -0.45
N GLY A 51 -33.35 -14.71 -0.52
CA GLY A 51 -32.68 -15.81 -1.19
C GLY A 51 -32.71 -15.68 -2.71
N SER A 52 -33.15 -14.55 -3.23
CA SER A 52 -33.40 -14.41 -4.66
C SER A 52 -32.13 -14.53 -5.51
N VAL A 53 -31.03 -14.01 -4.98
CA VAL A 53 -29.72 -14.07 -5.64
C VAL A 53 -29.20 -15.48 -5.90
N LEU A 54 -29.75 -16.46 -5.18
CA LEU A 54 -29.33 -17.86 -5.31
C LEU A 54 -29.98 -18.62 -6.48
N LEU A 55 -31.09 -18.10 -7.00
CA LEU A 55 -31.81 -18.78 -8.09
C LEU A 55 -31.04 -18.81 -9.42
N ASP A 56 -30.96 -19.99 -10.01
CA ASP A 56 -30.43 -20.10 -11.37
C ASP A 56 -31.36 -19.44 -12.43
N SER A 57 -30.70 -18.96 -13.49
CA SER A 57 -31.39 -18.60 -14.71
C SER A 57 -32.07 -19.83 -15.29
N THR A 58 -33.11 -19.57 -16.07
CA THR A 58 -33.84 -20.61 -16.80
C THR A 58 -33.82 -20.30 -18.31
N ASP A 59 -34.50 -21.10 -19.11
CA ASP A 59 -34.78 -20.71 -20.48
C ASP A 59 -35.81 -19.57 -20.51
N THR A 60 -36.60 -19.43 -19.43
CA THR A 60 -37.57 -18.32 -19.25
C THR A 60 -36.95 -16.92 -19.05
N ASN A 61 -35.99 -16.80 -18.13
CA ASN A 61 -35.31 -15.50 -17.83
C ASN A 61 -33.89 -15.57 -17.23
N THR A 62 -33.13 -14.54 -17.53
CA THR A 62 -31.84 -14.33 -16.92
C THR A 62 -31.99 -13.75 -15.51
N ALA A 63 -31.55 -14.53 -14.53
CA ALA A 63 -31.62 -14.23 -13.11
C ALA A 63 -30.54 -13.28 -12.65
N GLU A 64 -30.65 -12.85 -11.38
CA GLU A 64 -29.77 -11.83 -10.81
C GLU A 64 -28.32 -12.22 -10.93
N LYS A 65 -28.04 -13.44 -10.52
CA LYS A 65 -26.66 -13.90 -10.53
C LYS A 65 -25.99 -13.93 -11.93
N ASP A 66 -26.74 -13.82 -13.03
CA ASP A 66 -26.12 -13.73 -14.34
C ASP A 66 -26.08 -12.32 -14.89
N ALA A 67 -26.47 -11.37 -14.07
CA ALA A 67 -26.22 -9.96 -14.37
C ALA A 67 -24.70 -9.63 -14.25
N ALA A 68 -24.26 -8.55 -14.90
CA ALA A 68 -22.83 -8.20 -14.90
C ALA A 68 -22.13 -8.06 -13.52
N PRO A 69 -22.69 -7.27 -12.59
CA PRO A 69 -22.08 -7.16 -11.23
C PRO A 69 -22.06 -8.47 -10.39
N ASN A 70 -22.84 -9.46 -10.79
CA ASN A 70 -22.85 -10.73 -10.09
C ASN A 70 -22.02 -11.80 -10.80
N ASN A 71 -21.88 -11.72 -12.12
CA ASN A 71 -21.29 -12.81 -12.87
C ASN A 71 -20.10 -12.32 -13.67
N PRO A 72 -18.91 -12.84 -13.39
CA PRO A 72 -18.61 -14.05 -12.64
C PRO A 72 -18.18 -13.80 -11.20
N SER A 73 -18.28 -12.56 -10.75
CA SER A 73 -17.72 -12.18 -9.43
C SER A 73 -18.29 -12.93 -8.22
N LEU A 74 -19.61 -13.08 -8.12
CA LEU A 74 -20.18 -13.82 -6.97
C LEU A 74 -19.65 -15.23 -6.85
N ARG A 75 -19.36 -15.64 -5.63
CA ARG A 75 -18.84 -16.96 -5.31
C ARG A 75 -19.30 -17.28 -3.89
N GLY A 76 -19.42 -18.58 -3.62
CA GLY A 76 -19.98 -19.11 -2.37
C GLY A 76 -21.16 -20.06 -2.52
N PHE A 77 -21.67 -20.21 -3.73
CA PHE A 77 -22.87 -21.02 -3.98
C PHE A 77 -22.75 -22.50 -3.56
N GLU A 78 -21.62 -23.16 -3.84
CA GLU A 78 -21.43 -24.55 -3.36
C GLU A 78 -21.55 -24.65 -1.85
N VAL A 79 -21.00 -23.66 -1.16
CA VAL A 79 -21.02 -23.66 0.33
C VAL A 79 -22.43 -23.64 0.86
N ILE A 80 -23.21 -22.73 0.31
CA ILE A 80 -24.61 -22.59 0.65
C ILE A 80 -25.36 -23.88 0.35
N ALA A 81 -25.02 -24.55 -0.75
CA ALA A 81 -25.72 -25.78 -1.14
C ALA A 81 -25.40 -26.89 -0.13
N ALA A 82 -24.15 -26.90 0.32
CA ALA A 82 -23.68 -27.89 1.27
C ALA A 82 -24.29 -27.67 2.65
N ALA A 83 -24.41 -26.42 3.08
CA ALA A 83 -25.10 -26.15 4.31
C ALA A 83 -26.55 -26.51 4.12
N LYS A 84 -27.10 -26.19 2.96
CA LYS A 84 -28.50 -26.50 2.73
C LYS A 84 -28.78 -28.01 2.64
N SER A 85 -27.85 -28.78 2.10
CA SER A 85 -28.04 -30.21 2.02
C SER A 85 -28.08 -30.78 3.41
N ALA A 86 -27.12 -30.36 4.22
CA ALA A 86 -27.05 -30.72 5.62
C ALA A 86 -28.37 -30.45 6.33
N VAL A 87 -28.80 -29.22 6.29
CA VAL A 87 -29.97 -28.82 7.06
C VAL A 87 -31.25 -29.54 6.60
N GLU A 88 -31.35 -29.88 5.32
CA GLU A 88 -32.57 -30.52 4.81
C GLU A 88 -32.62 -32.00 5.17
N ALA A 89 -31.46 -32.60 5.30
CA ALA A 89 -31.38 -33.94 5.78
C ALA A 89 -31.77 -33.91 7.26
N ALA A 90 -31.42 -32.84 7.97
CA ALA A 90 -31.70 -32.77 9.40
C ALA A 90 -33.13 -32.35 9.73
N CYS A 91 -33.68 -31.35 9.02
CA CYS A 91 -35.01 -30.78 9.32
C CYS A 91 -35.66 -30.50 8.00
N PRO A 92 -36.21 -31.53 7.33
CA PRO A 92 -36.76 -31.23 6.02
C PRO A 92 -37.75 -30.04 5.99
N LYS A 93 -37.67 -29.26 4.90
CA LYS A 93 -38.61 -28.18 4.54
C LYS A 93 -38.87 -27.21 5.66
N THR A 94 -37.83 -26.95 6.45
CA THR A 94 -37.94 -26.13 7.65
C THR A 94 -37.11 -24.85 7.61
N VAL A 95 -35.82 -24.94 7.27
CA VAL A 95 -34.93 -23.76 7.31
C VAL A 95 -34.78 -23.10 5.93
N SER A 96 -35.09 -21.80 5.86
CA SER A 96 -35.04 -21.07 4.59
C SER A 96 -33.61 -20.83 4.09
N CYS A 97 -33.47 -20.79 2.77
CA CYS A 97 -32.24 -20.36 2.12
C CYS A 97 -31.84 -18.91 2.53
N ALA A 98 -32.84 -18.05 2.71
CA ALA A 98 -32.61 -16.70 3.23
C ALA A 98 -31.91 -16.68 4.59
N ASP A 99 -32.35 -17.48 5.54
CA ASP A 99 -31.69 -17.57 6.84
C ASP A 99 -30.27 -18.17 6.77
N ILE A 100 -30.10 -19.21 5.95
CA ILE A 100 -28.83 -19.88 5.79
C ILE A 100 -27.77 -18.89 5.28
N LEU A 101 -28.19 -18.03 4.37
CA LEU A 101 -27.26 -17.06 3.84
C LEU A 101 -26.92 -15.96 4.87
N ALA A 102 -27.93 -15.48 5.60
CA ALA A 102 -27.70 -14.59 6.73
C ALA A 102 -26.77 -15.23 7.76
N PHE A 103 -27.00 -16.52 8.05
CA PHE A 103 -26.17 -17.26 9.00
C PHE A 103 -24.75 -17.37 8.54
N ALA A 104 -24.62 -17.78 7.29
CA ALA A 104 -23.30 -18.00 6.68
C ALA A 104 -22.43 -16.74 6.67
N ALA A 105 -23.03 -15.59 6.35
CA ALA A 105 -22.30 -14.34 6.37
C ALA A 105 -21.80 -14.05 7.78
N ARG A 106 -22.64 -14.37 8.76
CA ARG A 106 -22.24 -14.23 10.16
C ARG A 106 -21.07 -15.18 10.51
N ASP A 107 -21.18 -16.42 10.07
CA ASP A 107 -20.09 -17.35 10.30
C ASP A 107 -18.78 -16.93 9.64
N SER A 108 -18.88 -16.16 8.55
CA SER A 108 -17.74 -15.71 7.79
C SER A 108 -17.09 -14.53 8.47
N ALA A 109 -17.92 -13.65 9.06
CA ALA A 109 -17.41 -12.54 9.87
C ALA A 109 -16.63 -13.08 11.08
N ALA A 110 -17.08 -14.17 11.64
CA ALA A 110 -16.36 -14.78 12.76
C ALA A 110 -15.01 -15.35 12.34
N LEU A 111 -15.04 -16.15 11.29
CA LEU A 111 -13.86 -16.78 10.73
C LEU A 111 -12.82 -15.76 10.25
N ALA A 112 -13.26 -14.69 9.64
CA ALA A 112 -12.32 -13.76 9.02
C ALA A 112 -11.85 -12.64 9.97
N GLY A 113 -12.67 -12.26 10.95
CA GLY A 113 -12.29 -11.14 11.84
C GLY A 113 -12.51 -11.34 13.32
N ASN A 114 -12.87 -12.56 13.69
CA ASN A 114 -13.32 -12.86 15.06
C ASN A 114 -14.50 -11.97 15.44
N ILE A 115 -15.31 -11.55 14.46
CA ILE A 115 -16.49 -10.72 14.71
C ILE A 115 -17.68 -11.64 14.96
N THR A 116 -18.19 -11.61 16.18
CA THR A 116 -19.23 -12.50 16.63
C THR A 116 -20.48 -11.73 16.94
N TYR A 117 -21.58 -12.07 16.27
CA TYR A 117 -22.90 -11.50 16.58
C TYR A 117 -23.99 -12.56 16.37
N GLN A 118 -25.21 -12.23 16.82
CA GLN A 118 -26.38 -13.11 16.68
C GLN A 118 -27.33 -12.63 15.58
N VAL A 119 -27.92 -13.58 14.87
CA VAL A 119 -28.69 -13.29 13.68
C VAL A 119 -30.15 -13.58 13.95
N PRO A 120 -30.99 -12.56 13.91
CA PRO A 120 -32.42 -12.86 13.97
C PRO A 120 -32.83 -13.66 12.73
N SER A 121 -33.72 -14.65 12.91
CA SER A 121 -34.17 -15.54 11.83
C SER A 121 -35.70 -15.56 11.71
N GLY A 122 -36.21 -16.40 10.82
CA GLY A 122 -37.62 -16.39 10.39
C GLY A 122 -37.87 -15.83 8.99
N ARG A 123 -36.82 -15.68 8.19
CA ARG A 123 -36.94 -15.24 6.79
C ARG A 123 -37.56 -16.35 5.98
N ARG A 124 -38.25 -15.96 4.92
CA ARG A 124 -38.71 -16.93 3.94
C ARG A 124 -38.09 -16.62 2.57
N ASP A 125 -38.11 -17.61 1.68
CA ASP A 125 -37.55 -17.47 0.32
C ASP A 125 -38.52 -16.95 -0.76
N GLY A 126 -38.03 -16.03 -1.57
CA GLY A 126 -38.83 -15.46 -2.65
C GLY A 126 -38.84 -16.38 -3.86
N ASN A 127 -39.73 -16.11 -4.80
CA ASN A 127 -39.80 -16.91 -6.01
C ASN A 127 -39.47 -16.12 -7.28
N VAL A 128 -38.94 -14.91 -7.11
CA VAL A 128 -38.52 -14.07 -8.24
C VAL A 128 -37.07 -13.60 -8.16
N SER A 129 -36.37 -13.69 -9.29
CA SER A 129 -34.99 -13.21 -9.42
C SER A 129 -34.67 -12.68 -10.84
N LEU A 130 -34.59 -11.36 -10.98
CA LEU A 130 -34.38 -10.73 -12.28
C LEU A 130 -33.02 -10.03 -12.37
N ALA A 131 -32.26 -10.35 -13.40
CA ALA A 131 -31.01 -9.65 -13.72
C ALA A 131 -31.21 -8.15 -13.80
N SER A 132 -32.32 -7.75 -14.39
CA SER A 132 -32.62 -6.35 -14.60
C SER A 132 -32.77 -5.60 -13.28
N GLU A 133 -33.25 -6.29 -12.24
CA GLU A 133 -33.35 -5.65 -10.94
C GLU A 133 -31.98 -5.63 -10.24
N ALA A 134 -31.16 -6.60 -10.55
CA ALA A 134 -29.81 -6.64 -10.01
C ALA A 134 -29.05 -5.42 -10.48
N LEU A 135 -29.10 -5.18 -11.78
CA LEU A 135 -28.47 -4.03 -12.40
C LEU A 135 -28.97 -2.73 -11.79
N THR A 136 -30.26 -2.65 -11.52
CA THR A 136 -30.85 -1.43 -10.98
C THR A 136 -30.44 -1.19 -9.53
N ASN A 137 -30.38 -2.24 -8.73
CA ASN A 137 -30.32 -2.10 -7.28
C ASN A 137 -28.96 -2.24 -6.62
N ILE A 138 -27.99 -2.75 -7.36
CA ILE A 138 -26.67 -2.96 -6.84
C ILE A 138 -25.80 -1.76 -7.23
N PRO A 139 -25.24 -1.06 -6.23
CA PRO A 139 -24.42 0.05 -6.60
C PRO A 139 -23.16 -0.42 -7.36
N ALA A 140 -22.66 0.44 -8.24
CA ALA A 140 -21.47 0.20 -9.03
C ALA A 140 -20.28 0.81 -8.30
N PRO A 141 -19.08 0.25 -8.50
CA PRO A 141 -17.86 0.80 -7.91
C PRO A 141 -17.43 2.19 -8.50
N THR A 142 -18.12 2.67 -9.54
CA THR A 142 -17.89 4.01 -10.10
C THR A 142 -18.67 5.12 -9.39
N PHE A 143 -19.51 4.73 -8.43
CA PHE A 143 -20.37 5.67 -7.70
C PHE A 143 -19.57 6.67 -6.89
N ASN A 144 -19.96 7.94 -6.96
CA ASN A 144 -19.41 8.97 -6.07
C ASN A 144 -20.11 8.88 -4.73
N ALA A 145 -19.65 9.71 -3.81
CA ALA A 145 -20.19 9.75 -2.43
C ALA A 145 -21.71 9.92 -2.35
N THR A 146 -22.21 10.92 -3.06
CA THR A 146 -23.64 11.18 -3.16
C THR A 146 -24.44 9.95 -3.60
N GLN A 147 -23.96 9.33 -4.67
CA GLN A 147 -24.62 8.16 -5.22
C GLN A 147 -24.64 6.94 -4.31
N LEU A 148 -23.52 6.72 -3.65
CA LEU A 148 -23.50 5.71 -2.60
C LEU A 148 -24.51 6.02 -1.52
N ILE A 149 -24.56 7.29 -1.10
CA ILE A 149 -25.42 7.65 0.01
C ILE A 149 -26.86 7.37 -0.35
N ASN A 150 -27.21 7.65 -1.61
CA ASN A 150 -28.60 7.51 -2.12
C ASN A 150 -29.03 6.06 -2.38
N SER A 151 -28.11 5.18 -2.76
CA SER A 151 -28.44 3.72 -2.82
C SER A 151 -28.93 3.27 -1.45
N PHE A 152 -28.11 3.58 -0.46
CA PHE A 152 -28.27 3.08 0.90
C PHE A 152 -29.46 3.70 1.62
N ALA A 153 -29.66 4.99 1.41
CA ALA A 153 -30.90 5.67 1.83
C ALA A 153 -32.09 4.93 1.23
N GLY A 154 -32.00 4.63 -0.07
CA GLY A 154 -33.04 3.88 -0.78
C GLY A 154 -33.39 2.56 -0.13
N LYS A 155 -32.43 1.96 0.56
CA LYS A 155 -32.69 0.76 1.36
C LYS A 155 -32.70 1.08 2.86
N ASN A 156 -33.13 2.29 3.23
CA ASN A 156 -33.24 2.71 4.65
C ASN A 156 -31.98 2.45 5.46
N LEU A 157 -30.82 2.78 4.90
CA LEU A 157 -29.57 2.74 5.65
C LEU A 157 -28.92 4.10 5.64
N THR A 158 -28.44 4.48 6.81
CA THR A 158 -27.83 5.77 7.02
C THR A 158 -26.51 5.80 6.27
N ALA A 159 -26.07 7.01 5.94
CA ALA A 159 -24.75 7.22 5.34
C ALA A 159 -23.63 6.62 6.20
N ASP A 160 -23.73 6.83 7.51
CA ASP A 160 -22.74 6.31 8.44
C ASP A 160 -22.64 4.77 8.40
N GLU A 161 -23.78 4.14 8.18
CA GLU A 161 -23.88 2.69 8.04
C GLU A 161 -23.35 2.23 6.72
N MET A 162 -23.57 3.02 5.69
CA MET A 162 -22.95 2.78 4.45
C MET A 162 -21.44 2.70 4.67
N VAL A 163 -20.89 3.69 5.39
CA VAL A 163 -19.44 3.72 5.65
C VAL A 163 -18.97 2.51 6.45
N THR A 164 -19.75 2.15 7.45
CA THR A 164 -19.44 1.03 8.28
C THR A 164 -19.39 -0.20 7.42
N LEU A 165 -20.38 -0.34 6.57
CA LEU A 165 -20.54 -1.59 5.83
C LEU A 165 -19.48 -1.72 4.70
N SER A 166 -19.08 -0.59 4.13
CA SER A 166 -17.96 -0.56 3.17
C SER A 166 -16.70 -1.29 3.71
N GLY A 167 -16.59 -1.27 5.04
CA GLY A 167 -15.57 -2.00 5.79
C GLY A 167 -15.52 -3.48 5.49
N ALA A 168 -16.55 -4.02 4.88
CA ALA A 168 -16.50 -5.38 4.37
C ALA A 168 -15.34 -5.59 3.35
N HIS A 169 -15.01 -4.53 2.63
CA HIS A 169 -13.87 -4.54 1.69
C HIS A 169 -12.51 -4.57 2.38
N SER A 170 -12.50 -4.89 3.69
CA SER A 170 -11.27 -5.05 4.49
C SER A 170 -10.80 -6.46 4.29
N ILE A 171 -11.65 -7.26 3.67
CA ILE A 171 -11.23 -8.55 3.11
C ILE A 171 -11.70 -8.69 1.66
N GLY A 172 -11.33 -9.79 1.01
CA GLY A 172 -11.87 -10.15 -0.31
C GLY A 172 -11.11 -9.56 -1.45
N VAL A 173 -11.55 -9.83 -2.67
CA VAL A 173 -10.84 -9.32 -3.84
C VAL A 173 -11.76 -8.50 -4.79
N SER A 174 -11.11 -7.85 -5.77
CA SER A 174 -11.76 -7.22 -6.94
C SER A 174 -11.13 -7.73 -8.26
N HIS A 175 -11.99 -8.01 -9.23
CA HIS A 175 -11.53 -8.25 -10.57
C HIS A 175 -10.96 -6.93 -11.09
N CYS A 176 -9.99 -7.02 -12.01
CA CYS A 176 -9.39 -5.85 -12.64
C CYS A 176 -10.48 -4.92 -13.17
N PHE A 177 -11.46 -5.48 -13.87
CA PHE A 177 -12.47 -4.65 -14.51
C PHE A 177 -13.08 -3.62 -13.56
N SER A 178 -13.31 -4.02 -12.32
CA SER A 178 -14.06 -3.20 -11.37
C SER A 178 -13.38 -1.88 -11.03
N PHE A 179 -12.04 -1.83 -11.12
CA PHE A 179 -11.30 -0.60 -10.92
C PHE A 179 -10.49 -0.14 -12.15
N LEU A 180 -10.75 -0.72 -13.32
CA LEU A 180 -10.02 -0.39 -14.53
C LEU A 180 -10.21 1.09 -14.92
N ASN A 181 -11.36 1.67 -14.61
CA ASN A 181 -11.58 3.10 -14.90
C ASN A 181 -10.44 3.95 -14.30
N ARG A 182 -9.84 3.48 -13.22
CA ARG A 182 -8.88 4.29 -12.50
C ARG A 182 -7.45 4.24 -12.96
N ILE A 183 -7.11 3.27 -13.77
CA ILE A 183 -5.72 3.06 -14.12
C ILE A 183 -5.50 3.08 -15.63
N TYR A 184 -6.57 3.14 -16.38
CA TYR A 184 -6.48 3.41 -17.80
C TYR A 184 -7.49 4.49 -18.15
N ASN A 185 -7.06 5.46 -18.95
CA ASN A 185 -7.96 6.43 -19.57
C ASN A 185 -8.86 7.15 -18.58
N PHE A 186 -8.31 7.54 -17.44
CA PHE A 186 -9.12 8.18 -16.40
C PHE A 186 -9.67 9.51 -16.84
N SER A 187 -8.84 10.30 -17.52
CA SER A 187 -9.27 11.62 -18.00
C SER A 187 -8.50 11.98 -19.28
N ASN A 188 -8.81 13.18 -19.79
CA ASN A 188 -7.99 13.86 -20.83
C ASN A 188 -6.69 14.39 -20.23
N THR A 189 -6.73 14.72 -18.96
CA THR A 189 -5.60 15.34 -18.26
C THR A 189 -4.59 14.30 -17.77
N SER A 190 -5.06 13.12 -17.42
CA SER A 190 -4.19 12.01 -16.98
C SER A 190 -4.78 10.61 -17.14
N GLN A 191 -3.88 9.64 -17.27
CA GLN A 191 -4.22 8.22 -17.54
C GLN A 191 -4.74 7.55 -16.29
N VAL A 192 -4.28 8.05 -15.16
CA VAL A 192 -4.49 7.43 -13.89
C VAL A 192 -5.19 8.41 -12.97
N ASP A 193 -6.04 7.88 -12.11
CA ASP A 193 -6.75 8.66 -11.11
C ASP A 193 -5.75 9.21 -10.11
N PRO A 194 -5.64 10.54 -10.00
CA PRO A 194 -4.66 11.13 -9.08
C PRO A 194 -4.92 10.88 -7.59
N THR A 195 -6.12 10.42 -7.25
CA THR A 195 -6.45 10.09 -5.86
C THR A 195 -6.03 8.69 -5.50
N LEU A 196 -5.37 8.01 -6.44
CA LEU A 196 -4.81 6.68 -6.24
C LEU A 196 -3.30 6.78 -6.33
N SER A 197 -2.62 6.16 -5.38
CA SER A 197 -1.17 6.15 -5.33
C SER A 197 -0.56 5.82 -6.70
N SER A 198 0.38 6.67 -7.14
CA SER A 198 1.00 6.50 -8.45
C SER A 198 1.80 5.20 -8.53
N SER A 199 2.46 4.83 -7.45
CA SER A 199 3.18 3.54 -7.41
C SER A 199 2.24 2.37 -7.52
N TYR A 200 1.12 2.44 -6.76
CA TYR A 200 0.08 1.40 -6.75
C TYR A 200 -0.48 1.23 -8.15
N ALA A 201 -0.79 2.35 -8.78
CA ALA A 201 -1.35 2.41 -10.12
C ALA A 201 -0.44 1.71 -11.11
N ASP A 202 0.83 2.03 -11.02
CA ASP A 202 1.79 1.45 -11.91
C ASP A 202 1.80 -0.07 -11.70
N LEU A 203 1.67 -0.51 -10.46
CA LEU A 203 1.69 -1.96 -10.19
C LEU A 203 0.41 -2.64 -10.67
N LEU A 204 -0.73 -1.95 -10.54
CA LEU A 204 -2.01 -2.47 -10.98
C LEU A 204 -2.10 -2.52 -12.52
N ARG A 205 -1.49 -1.55 -13.18
CA ARG A 205 -1.37 -1.51 -14.64
C ARG A 205 -0.57 -2.71 -15.15
N THR A 206 0.46 -3.07 -14.39
CA THR A 206 1.34 -4.16 -14.76
C THR A 206 0.63 -5.52 -14.55
N LYS A 207 -0.19 -5.64 -13.54
CA LYS A 207 -0.92 -6.89 -13.28
C LYS A 207 -2.16 -7.04 -14.19
N CYS A 208 -2.80 -5.89 -14.44
CA CYS A 208 -4.13 -5.77 -15.09
C CYS A 208 -4.03 -5.04 -16.42
N PRO A 209 -4.11 -5.78 -17.53
CA PRO A 209 -3.94 -5.18 -18.84
C PRO A 209 -5.17 -4.40 -19.29
N SER A 210 -4.97 -3.46 -20.21
CA SER A 210 -6.05 -2.54 -20.63
C SER A 210 -7.21 -3.24 -21.34
N ASN A 211 -6.89 -4.26 -22.12
CA ASN A 211 -7.93 -5.07 -22.78
C ASN A 211 -8.84 -5.87 -21.81
N SER A 212 -8.62 -5.71 -20.51
CA SER A 212 -9.33 -6.49 -19.50
C SER A 212 -10.84 -6.33 -19.60
N THR A 213 -11.55 -7.43 -19.35
CA THR A 213 -13.01 -7.45 -19.29
C THR A 213 -13.47 -7.93 -17.91
N ARG A 214 -14.78 -7.92 -17.66
CA ARG A 214 -15.34 -8.41 -16.37
C ARG A 214 -15.16 -9.94 -16.18
N PHE A 215 -14.86 -10.66 -17.27
CA PHE A 215 -14.55 -12.11 -17.23
C PHE A 215 -13.07 -12.44 -17.08
N THR A 216 -12.22 -11.45 -17.27
CA THR A 216 -10.79 -11.62 -17.06
C THR A 216 -10.57 -12.09 -15.63
N PRO A 217 -9.93 -13.26 -15.47
CA PRO A 217 -9.83 -13.88 -14.16
C PRO A 217 -8.56 -13.43 -13.44
N ILE A 218 -8.50 -12.17 -13.08
CA ILE A 218 -7.35 -11.63 -12.42
C ILE A 218 -7.88 -10.72 -11.35
N THR A 219 -7.50 -10.93 -10.12
CA THR A 219 -8.07 -10.24 -9.02
C THR A 219 -6.98 -9.55 -8.19
N VAL A 220 -7.35 -8.58 -7.42
CA VAL A 220 -6.42 -7.90 -6.55
C VAL A 220 -7.15 -7.64 -5.23
N SER A 221 -6.56 -8.00 -4.10
CA SER A 221 -7.21 -7.74 -2.79
C SER A 221 -7.64 -6.32 -2.64
N LEU A 222 -8.83 -6.14 -2.10
CA LEU A 222 -9.34 -4.81 -1.76
C LEU A 222 -8.51 -4.12 -0.70
N ASP A 223 -7.96 -4.85 0.25
CA ASP A 223 -7.23 -4.22 1.34
C ASP A 223 -5.81 -4.65 1.29
N ILE A 224 -4.97 -3.77 0.76
CA ILE A 224 -3.56 -4.02 0.66
C ILE A 224 -2.88 -4.13 2.02
N ILE A 225 -3.45 -3.55 3.08
CA ILE A 225 -2.83 -3.61 4.39
C ILE A 225 -2.96 -4.99 5.09
N THR A 226 -4.16 -5.53 5.23
CA THR A 226 -4.38 -6.86 5.85
C THR A 226 -5.41 -7.59 4.98
N PRO A 227 -4.98 -8.10 3.83
CA PRO A 227 -5.91 -8.66 2.89
C PRO A 227 -6.88 -9.72 3.43
N THR A 228 -6.51 -10.48 4.44
CA THR A 228 -7.41 -11.56 4.87
C THR A 228 -7.97 -11.38 6.27
N VAL A 229 -7.66 -10.27 6.91
CA VAL A 229 -8.25 -9.97 8.19
C VAL A 229 -9.33 -8.89 8.01
N LEU A 230 -10.56 -9.24 8.42
CA LEU A 230 -11.68 -8.34 8.46
C LEU A 230 -11.49 -7.44 9.67
N ASP A 231 -10.79 -6.32 9.45
CA ASP A 231 -10.44 -5.37 10.49
C ASP A 231 -10.68 -3.95 9.94
N ASN A 232 -10.21 -2.93 10.67
CA ASN A 232 -10.38 -1.51 10.25
C ASN A 232 -9.28 -0.91 9.33
N ARG A 233 -8.38 -1.76 8.86
CA ARG A 233 -7.32 -1.32 7.97
C ARG A 233 -7.81 -0.79 6.63
N TYR A 234 -8.93 -1.31 6.14
CA TYR A 234 -9.61 -0.71 4.97
C TYR A 234 -9.59 0.80 5.07
N TYR A 235 -10.03 1.29 6.24
CA TYR A 235 -10.22 2.71 6.48
C TYR A 235 -8.94 3.51 6.48
N THR A 236 -7.89 2.96 7.08
CA THR A 236 -6.53 3.53 6.93
C THR A 236 -6.12 3.64 5.49
N GLY A 237 -6.17 2.53 4.77
CA GLY A 237 -5.77 2.50 3.36
C GLY A 237 -6.51 3.52 2.52
N VAL A 238 -7.81 3.67 2.75
CA VAL A 238 -8.59 4.70 2.06
C VAL A 238 -8.03 6.13 2.29
N GLN A 239 -7.66 6.45 3.52
CA GLN A 239 -7.10 7.75 3.82
C GLN A 239 -5.68 7.95 3.22
N LEU A 240 -4.93 6.88 3.00
CA LEU A 240 -3.55 7.01 2.45
C LEU A 240 -3.46 6.92 0.91
N THR A 241 -4.58 7.10 0.23
CA THR A 241 -4.71 6.94 -1.21
C THR A 241 -4.58 5.54 -1.71
N LEU A 242 -4.72 4.55 -0.83
CA LEU A 242 -4.63 3.13 -1.18
C LEU A 242 -6.00 2.46 -1.31
N GLY A 243 -7.07 3.25 -1.30
CA GLY A 243 -8.39 2.73 -1.55
C GLY A 243 -8.47 2.25 -2.99
N LEU A 244 -8.93 1.02 -3.21
CA LEU A 244 -8.83 0.39 -4.53
C LEU A 244 -9.97 0.79 -5.47
N LEU A 245 -11.21 0.74 -4.99
CA LEU A 245 -12.37 1.08 -5.83
C LEU A 245 -12.63 2.58 -5.80
N THR A 246 -13.21 3.09 -6.89
CA THR A 246 -13.61 4.50 -6.93
C THR A 246 -14.55 4.77 -5.75
N SER A 247 -15.43 3.80 -5.50
CA SER A 247 -16.44 3.89 -4.45
C SER A 247 -15.81 3.83 -3.05
N ASP A 248 -14.61 3.22 -3.00
CA ASP A 248 -13.77 3.16 -1.79
C ASP A 248 -13.14 4.56 -1.51
N GLN A 249 -12.47 5.11 -2.52
CA GLN A 249 -11.90 6.46 -2.45
C GLN A 249 -12.96 7.56 -2.21
N ALA A 250 -14.18 7.31 -2.71
CA ALA A 250 -15.34 8.24 -2.53
C ALA A 250 -15.60 8.63 -1.09
N LEU A 251 -15.20 7.78 -0.17
CA LEU A 251 -15.56 7.93 1.21
C LEU A 251 -14.75 9.01 1.93
N VAL A 252 -13.68 9.49 1.32
CA VAL A 252 -12.94 10.63 1.88
C VAL A 252 -13.13 11.95 1.10
N THR A 253 -14.07 11.95 0.15
CA THR A 253 -14.35 13.11 -0.71
C THR A 253 -15.49 13.99 -0.19
N GLU A 254 -16.00 13.66 0.98
CA GLU A 254 -17.13 14.35 1.58
C GLU A 254 -16.88 14.39 3.09
N ALA A 255 -16.96 15.58 3.69
CA ALA A 255 -16.53 15.83 5.08
C ALA A 255 -17.12 14.85 6.10
N ASN A 256 -18.40 14.56 5.95
CA ASN A 256 -19.12 13.72 6.88
C ASN A 256 -18.66 12.27 6.85
N LEU A 257 -18.57 11.78 5.64
CA LEU A 257 -18.07 10.44 5.43
C LEU A 257 -16.61 10.37 5.81
N SER A 258 -15.83 11.37 5.42
CA SER A 258 -14.41 11.38 5.74
C SER A 258 -14.12 11.31 7.27
N ALA A 259 -14.99 11.88 8.09
CA ALA A 259 -14.83 11.78 9.55
C ALA A 259 -15.23 10.43 10.11
N ALA A 260 -16.30 9.83 9.58
CA ALA A 260 -16.63 8.42 9.88
C ALA A 260 -15.46 7.46 9.59
N VAL A 261 -14.73 7.72 8.52
CA VAL A 261 -13.55 6.93 8.23
C VAL A 261 -12.45 7.06 9.30
N LYS A 262 -12.15 8.32 9.68
CA LYS A 262 -11.12 8.61 10.68
C LYS A 262 -11.47 7.86 11.94
N ASN A 263 -12.75 7.80 12.28
CA ASN A 263 -13.16 7.12 13.48
C ASN A 263 -13.00 5.61 13.40
N ASN A 264 -13.60 5.03 12.36
CA ASN A 264 -13.35 3.61 12.05
C ASN A 264 -11.87 3.25 12.02
N ALA A 265 -11.08 4.06 11.33
CA ALA A 265 -9.64 3.83 11.28
C ALA A 265 -8.97 3.99 12.66
N ASP A 266 -9.30 5.06 13.37
CA ASP A 266 -8.67 5.32 14.66
C ASP A 266 -9.08 4.32 15.73
N ASN A 267 -10.23 3.65 15.60
CA ASN A 267 -10.81 2.88 16.69
C ASN A 267 -11.56 1.59 16.29
N LEU A 268 -10.93 0.47 16.64
CA LEU A 268 -11.35 -0.85 16.18
C LEU A 268 -12.58 -1.44 16.86
N THR A 269 -12.64 -1.41 18.19
CA THR A 269 -13.83 -1.92 18.87
C THR A 269 -15.07 -1.17 18.41
N ALA A 270 -14.91 0.15 18.29
CA ALA A 270 -15.96 1.04 17.79
C ALA A 270 -16.47 0.55 16.48
N TRP A 271 -15.56 0.32 15.54
CA TRP A 271 -15.95 -0.16 14.21
C TRP A 271 -16.60 -1.54 14.23
N VAL A 272 -15.92 -2.48 14.89
CA VAL A 272 -16.47 -3.82 15.11
C VAL A 272 -17.91 -3.79 15.68
N ALA A 273 -18.12 -3.06 16.77
CA ALA A 273 -19.45 -2.95 17.36
C ALA A 273 -20.47 -2.43 16.31
N GLU A 274 -20.08 -1.40 15.57
CA GLU A 274 -20.95 -0.84 14.56
C GLU A 274 -21.22 -1.81 13.43
N PHE A 275 -20.21 -2.57 12.99
CA PHE A 275 -20.35 -3.47 11.81
C PHE A 275 -21.35 -4.56 12.13
N ALA A 276 -21.23 -5.15 13.31
CA ALA A 276 -22.22 -6.13 13.74
C ALA A 276 -23.65 -5.59 13.76
N GLN A 277 -23.85 -4.32 14.16
CA GLN A 277 -25.24 -3.77 14.15
C GLN A 277 -25.73 -3.50 12.69
N ALA A 278 -24.86 -2.91 11.87
CA ALA A 278 -25.20 -2.55 10.51
C ALA A 278 -25.57 -3.81 9.74
N ILE A 279 -24.85 -4.88 9.98
CA ILE A 279 -25.04 -6.02 9.13
C ILE A 279 -26.26 -6.77 9.54
N VAL A 280 -26.54 -6.77 10.84
CA VAL A 280 -27.81 -7.32 11.32
C VAL A 280 -28.98 -6.52 10.74
N LYS A 281 -28.80 -5.21 10.72
CA LYS A 281 -29.78 -4.31 10.14
C LYS A 281 -29.96 -4.55 8.64
N MET A 282 -28.86 -4.70 7.91
CA MET A 282 -28.90 -5.00 6.46
C MET A 282 -29.70 -6.28 6.21
N GLY A 283 -29.53 -7.25 7.08
CA GLY A 283 -30.21 -8.52 6.93
C GLY A 283 -31.69 -8.52 7.20
N GLN A 284 -32.29 -7.35 7.31
CA GLN A 284 -33.72 -7.24 7.62
C GLN A 284 -34.45 -6.33 6.66
N ILE A 285 -33.85 -6.11 5.50
CA ILE A 285 -34.43 -5.28 4.46
C ILE A 285 -35.49 -6.10 3.74
N GLU A 286 -36.75 -5.69 3.85
CA GLU A 286 -37.86 -6.27 3.05
C GLU A 286 -37.88 -7.77 3.06
N VAL A 287 -37.79 -8.32 4.26
CA VAL A 287 -37.82 -9.75 4.48
C VAL A 287 -39.23 -10.23 4.43
N LEU A 288 -39.36 -11.50 4.11
CA LEU A 288 -40.63 -12.18 4.06
C LEU A 288 -40.71 -13.04 5.33
N THR A 289 -41.84 -12.96 6.02
CA THR A 289 -42.06 -13.74 7.24
C THR A 289 -43.43 -14.42 7.27
N GLY A 290 -43.65 -15.22 8.30
CA GLY A 290 -44.95 -15.87 8.55
C GLY A 290 -45.20 -16.98 7.55
N THR A 291 -46.22 -16.77 6.72
CA THR A 291 -46.56 -17.67 5.60
C THR A 291 -46.10 -17.09 4.26
N GLN A 292 -45.62 -15.86 4.28
CA GLN A 292 -45.13 -15.27 3.05
C GLN A 292 -43.99 -16.12 2.46
N GLY A 293 -43.92 -16.14 1.13
CA GLY A 293 -42.95 -16.96 0.39
C GLY A 293 -42.98 -18.44 0.74
N GLU A 294 -41.86 -19.11 0.54
CA GLU A 294 -41.78 -20.52 0.81
C GLU A 294 -40.48 -20.91 1.49
N ILE A 295 -40.35 -22.18 1.87
CA ILE A 295 -39.09 -22.68 2.32
C ILE A 295 -38.53 -23.57 1.22
N ARG A 296 -37.59 -22.96 0.53
CA ARG A 296 -37.06 -23.47 -0.73
C ARG A 296 -36.20 -24.65 -0.39
N THR A 297 -36.49 -25.78 -1.01
CA THR A 297 -35.84 -27.04 -0.61
C THR A 297 -34.47 -27.13 -1.29
N ASN A 298 -34.37 -26.54 -2.47
CA ASN A 298 -33.13 -26.49 -3.22
C ASN A 298 -32.93 -25.03 -3.49
N CYS A 299 -31.79 -24.51 -3.08
CA CYS A 299 -31.60 -23.05 -3.11
C CYS A 299 -31.55 -22.48 -4.52
N SER A 300 -31.06 -23.27 -5.46
CA SER A 300 -30.89 -22.84 -6.84
C SER A 300 -32.16 -22.75 -7.68
N VAL A 301 -33.27 -23.20 -7.12
CA VAL A 301 -34.46 -23.32 -7.90
C VAL A 301 -35.73 -23.22 -7.01
N VAL A 302 -36.72 -22.48 -7.51
CA VAL A 302 -38.09 -22.45 -6.98
C VAL A 302 -38.70 -23.85 -6.87
N ASN A 303 -39.43 -24.09 -5.79
CA ASN A 303 -40.12 -25.37 -5.54
C ASN A 303 -41.21 -25.81 -6.56
N ASP B 1 35.55 21.93 12.26
CA ASP B 1 35.83 23.24 11.58
C ASP B 1 35.23 23.40 10.16
N LEU B 2 33.99 22.92 9.95
CA LEU B 2 33.18 23.28 8.78
C LEU B 2 32.22 24.45 9.12
N GLN B 3 32.07 25.42 8.21
CA GLN B 3 31.24 26.63 8.43
C GLN B 3 30.16 26.85 7.40
N ILE B 4 29.01 27.37 7.84
CA ILE B 4 27.95 27.78 6.92
C ILE B 4 28.43 29.05 6.23
N GLY B 5 28.45 29.05 4.90
CA GLY B 5 28.88 30.21 4.11
C GLY B 5 30.40 30.32 4.05
N PHE B 6 31.07 29.17 4.00
CA PHE B 6 32.51 29.14 3.76
C PHE B 6 32.85 30.01 2.56
N TYR B 7 32.02 29.91 1.52
CA TYR B 7 32.26 30.63 0.28
C TYR B 7 31.79 32.09 0.31
N ASN B 8 31.34 32.60 1.46
CA ASN B 8 30.86 33.99 1.58
C ASN B 8 31.71 34.98 0.82
N GLN B 9 33.01 34.84 0.97
CA GLN B 9 33.95 35.76 0.32
C GLN B 9 34.49 35.19 -1.01
N SER B 10 34.86 33.92 -1.05
CA SER B 10 35.52 33.35 -2.23
C SER B 10 34.61 33.04 -3.41
N CYS B 11 33.38 32.62 -3.12
CA CYS B 11 32.40 32.31 -4.17
C CYS B 11 30.97 32.55 -3.69
N PRO B 12 30.57 33.82 -3.54
CA PRO B 12 29.23 34.14 -3.03
C PRO B 12 28.08 33.51 -3.81
N SER B 13 28.23 33.31 -5.11
CA SER B 13 27.12 32.77 -5.92
C SER B 13 26.92 31.23 -5.92
N ALA B 14 27.81 30.48 -5.27
CA ALA B 14 27.88 29.02 -5.48
C ALA B 14 26.63 28.27 -5.09
N GLU B 15 26.17 28.46 -3.87
CA GLU B 15 24.97 27.79 -3.39
C GLU B 15 23.79 28.04 -4.34
N SER B 16 23.66 29.27 -4.83
CA SER B 16 22.63 29.58 -5.83
C SER B 16 22.81 28.81 -7.11
N LEU B 17 24.05 28.77 -7.60
CA LEU B 17 24.32 28.16 -8.89
C LEU B 17 24.02 26.66 -8.86
N VAL B 18 24.36 26.03 -7.73
CA VAL B 18 24.08 24.61 -7.57
C VAL B 18 22.58 24.37 -7.55
N GLN B 19 21.87 25.22 -6.81
CA GLN B 19 20.41 25.09 -6.70
C GLN B 19 19.68 25.25 -8.06
N GLN B 20 20.22 26.09 -8.90
CA GLN B 20 19.71 26.23 -10.25
C GLN B 20 19.98 24.95 -11.08
N GLY B 21 21.21 24.46 -11.05
CA GLY B 21 21.54 23.19 -11.70
C GLY B 21 20.49 22.15 -11.35
N VAL B 22 20.33 21.97 -10.05
CA VAL B 22 19.47 20.93 -9.50
C VAL B 22 18.03 21.19 -9.89
N ALA B 23 17.63 22.46 -9.84
CA ALA B 23 16.22 22.79 -10.13
C ALA B 23 15.88 22.52 -11.60
N ALA B 24 16.82 22.84 -12.48
CA ALA B 24 16.68 22.51 -13.90
C ALA B 24 16.51 21.02 -14.11
N ALA B 25 17.42 20.25 -13.49
CA ALA B 25 17.40 18.78 -13.56
C ALA B 25 16.10 18.21 -13.07
N PHE B 26 15.68 18.70 -11.91
CA PHE B 26 14.47 18.20 -11.25
C PHE B 26 13.24 18.33 -12.14
N ALA B 27 13.03 19.48 -12.74
CA ALA B 27 11.90 19.70 -13.63
C ALA B 27 11.89 18.75 -14.82
N ASN B 28 13.05 18.40 -15.36
CA ASN B 28 13.07 17.37 -16.40
C ASN B 28 12.68 16.03 -15.81
N ASN B 29 13.36 15.63 -14.75
CA ASN B 29 13.16 14.33 -14.13
C ASN B 29 13.34 14.44 -12.62
N SER B 30 12.21 14.27 -11.93
CA SER B 30 12.15 14.51 -10.50
C SER B 30 12.91 13.45 -9.71
N GLY B 31 13.32 12.38 -10.40
CA GLY B 31 14.12 11.31 -9.78
C GLY B 31 15.54 11.68 -9.38
N ILE B 32 16.04 12.81 -9.88
CA ILE B 32 17.39 13.25 -9.56
C ILE B 32 17.49 13.71 -8.10
N ALA B 33 16.39 14.24 -7.52
CA ALA B 33 16.34 14.59 -6.11
C ALA B 33 16.66 13.39 -5.19
N PRO B 34 15.83 12.33 -5.23
CA PRO B 34 16.24 11.13 -4.49
C PRO B 34 17.61 10.62 -4.93
N GLY B 35 17.91 10.62 -6.23
CA GLY B 35 19.24 10.20 -6.64
C GLY B 35 20.35 10.96 -5.87
N LEU B 36 20.23 12.27 -5.77
CA LEU B 36 21.34 13.05 -5.20
C LEU B 36 21.38 12.89 -3.68
N ILE B 37 20.23 12.71 -3.03
CA ILE B 37 20.31 12.51 -1.60
C ILE B 37 21.02 11.19 -1.28
N ARG B 38 20.81 10.16 -2.10
CA ARG B 38 21.50 8.87 -1.91
C ARG B 38 22.99 9.01 -2.15
N MET B 39 23.33 9.83 -3.15
CA MET B 39 24.71 9.99 -3.52
C MET B 39 25.48 10.57 -2.36
N HIS B 40 24.98 11.68 -1.83
CA HIS B 40 25.55 12.31 -0.61
C HIS B 40 25.76 11.32 0.54
N PHE B 41 24.72 10.54 0.84
CA PHE B 41 24.81 9.44 1.81
C PHE B 41 25.95 8.49 1.41
N HIS B 42 26.00 8.04 0.16
CA HIS B 42 27.03 7.04 -0.26
C HIS B 42 28.44 7.63 -0.30
N ASP B 43 28.55 8.91 -0.57
CA ASP B 43 29.82 9.63 -0.35
C ASP B 43 30.25 9.55 1.11
N CYS B 44 29.41 10.08 1.99
CA CYS B 44 29.69 10.17 3.41
C CYS B 44 30.07 8.85 4.10
N PHE B 45 29.54 7.72 3.63
CA PHE B 45 29.85 6.40 4.27
C PHE B 45 31.10 5.67 3.75
N VAL B 46 31.81 6.27 2.80
CA VAL B 46 33.09 5.70 2.40
C VAL B 46 34.13 6.81 2.36
N ARG B 47 35.07 6.77 3.30
CA ARG B 47 36.17 7.76 3.42
C ARG B 47 35.67 9.16 3.75
N GLY B 48 34.45 9.28 4.19
CA GLY B 48 33.89 10.58 4.46
C GLY B 48 33.34 11.29 3.25
N CYS B 49 32.77 12.46 3.51
CA CYS B 49 32.11 13.27 2.49
C CYS B 49 33.25 14.05 1.80
N ASP B 50 33.88 13.39 0.83
CA ASP B 50 35.09 13.85 0.17
C ASP B 50 35.00 13.74 -1.34
N GLY B 51 33.79 13.53 -1.87
CA GLY B 51 33.55 13.46 -3.32
C GLY B 51 34.05 12.18 -3.95
N SER B 52 34.46 11.20 -3.16
CA SER B 52 35.14 10.00 -3.69
C SER B 52 34.22 9.16 -4.57
N VAL B 53 32.94 9.12 -4.22
CA VAL B 53 31.90 8.43 -5.01
C VAL B 53 31.73 8.92 -6.46
N LEU B 54 32.17 10.14 -6.72
CA LEU B 54 32.03 10.76 -8.04
C LEU B 54 33.12 10.34 -9.03
N LEU B 55 34.23 9.76 -8.56
CA LEU B 55 35.32 9.38 -9.45
C LEU B 55 34.98 8.19 -10.38
N ASP B 56 35.24 8.36 -11.67
CA ASP B 56 35.21 7.23 -12.62
C ASP B 56 36.31 6.19 -12.38
N SER B 57 35.97 4.96 -12.73
CA SER B 57 36.92 3.88 -12.84
C SER B 57 37.95 4.20 -13.93
N THR B 58 39.11 3.57 -13.81
CA THR B 58 40.21 3.68 -14.78
C THR B 58 40.65 2.26 -15.23
N ASP B 59 41.72 2.16 -16.00
CA ASP B 59 42.37 0.87 -16.15
C ASP B 59 43.13 0.48 -14.89
N THR B 60 43.52 1.47 -14.09
CA THR B 60 44.20 1.22 -12.80
C THR B 60 43.33 0.50 -11.75
N ASN B 61 42.03 0.84 -11.66
CA ASN B 61 41.08 0.22 -10.68
C ASN B 61 39.58 0.53 -10.84
N THR B 62 38.79 -0.42 -10.35
CA THR B 62 37.37 -0.26 -10.25
C THR B 62 36.99 0.56 -9.04
N ALA B 63 36.40 1.73 -9.32
CA ALA B 63 36.02 2.70 -8.32
C ALA B 63 34.70 2.35 -7.63
N GLU B 64 34.36 3.14 -6.62
CA GLU B 64 33.19 2.90 -5.79
C GLU B 64 31.95 2.80 -6.63
N LYS B 65 31.79 3.74 -7.53
CA LYS B 65 30.57 3.81 -8.32
C LYS B 65 30.30 2.58 -9.19
N ASP B 66 31.30 1.73 -9.42
CA ASP B 66 31.08 0.54 -10.23
C ASP B 66 30.97 -0.72 -9.38
N ALA B 67 30.95 -0.54 -8.07
CA ALA B 67 30.58 -1.62 -7.18
C ALA B 67 29.08 -1.96 -7.31
N ALA B 68 28.70 -3.16 -6.86
CA ALA B 68 27.32 -3.65 -7.02
C ALA B 68 26.19 -2.74 -6.45
N PRO B 69 26.31 -2.31 -5.18
CA PRO B 69 25.32 -1.39 -4.61
C PRO B 69 25.22 0.02 -5.29
N ASN B 70 26.21 0.37 -6.11
CA ASN B 70 26.20 1.65 -6.79
C ASN B 70 25.86 1.59 -8.28
N ASN B 71 26.14 0.46 -8.92
CA ASN B 71 25.95 0.35 -10.36
C ASN B 71 25.00 -0.77 -10.70
N PRO B 72 23.87 -0.42 -11.36
CA PRO B 72 23.56 0.84 -12.04
C PRO B 72 22.67 1.81 -11.24
N SER B 73 22.44 1.51 -9.97
CA SER B 73 21.44 2.24 -9.19
C SER B 73 21.73 3.74 -8.97
N LEU B 74 22.95 4.11 -8.61
CA LEU B 74 23.27 5.56 -8.36
C LEU B 74 22.94 6.40 -9.59
N ARG B 75 22.35 7.56 -9.36
CA ARG B 75 22.05 8.47 -10.46
C ARG B 75 22.12 9.88 -9.94
N GLY B 76 22.41 10.82 -10.85
CA GLY B 76 22.57 12.26 -10.54
C GLY B 76 23.90 12.87 -10.96
N PHE B 77 24.79 12.07 -11.53
CA PHE B 77 26.14 12.58 -11.88
C PHE B 77 26.12 13.75 -12.90
N GLU B 78 25.27 13.71 -13.92
CA GLU B 78 25.12 14.86 -14.86
C GLU B 78 24.84 16.15 -14.12
N VAL B 79 23.95 16.05 -13.14
CA VAL B 79 23.52 17.24 -12.41
C VAL B 79 24.70 17.86 -11.69
N ILE B 80 25.43 17.02 -10.99
CA ILE B 80 26.62 17.41 -10.26
C ILE B 80 27.62 18.05 -11.19
N ALA B 81 27.74 17.52 -12.41
CA ALA B 81 28.73 18.01 -13.36
C ALA B 81 28.34 19.41 -13.80
N ALA B 82 27.05 19.56 -14.03
CA ALA B 82 26.50 20.79 -14.53
C ALA B 82 26.57 21.88 -13.48
N ALA B 83 26.32 21.53 -12.22
CA ALA B 83 26.50 22.47 -11.15
C ALA B 83 27.98 22.78 -11.06
N LYS B 84 28.81 21.77 -11.17
CA LYS B 84 30.23 22.01 -11.06
C LYS B 84 30.80 22.84 -12.25
N SER B 85 30.23 22.70 -13.46
CA SER B 85 30.67 23.49 -14.59
C SER B 85 30.36 24.93 -14.34
N ALA B 86 29.12 25.19 -13.93
CA ALA B 86 28.68 26.54 -13.59
C ALA B 86 29.63 27.19 -12.56
N VAL B 87 29.82 26.52 -11.45
CA VAL B 87 30.60 27.06 -10.36
C VAL B 87 32.05 27.34 -10.78
N GLU B 88 32.61 26.51 -11.65
CA GLU B 88 34.02 26.65 -12.05
C GLU B 88 34.21 27.82 -13.00
N ALA B 89 33.20 28.08 -13.80
CA ALA B 89 33.26 29.22 -14.66
C ALA B 89 33.13 30.43 -13.79
N ALA B 90 32.40 30.35 -12.68
CA ALA B 90 32.25 31.53 -11.81
C ALA B 90 33.39 31.74 -10.83
N CYS B 91 33.88 30.67 -10.19
CA CYS B 91 34.95 30.78 -9.16
C CYS B 91 35.90 29.63 -9.40
N PRO B 92 36.79 29.77 -10.40
CA PRO B 92 37.62 28.62 -10.72
C PRO B 92 38.45 28.09 -9.53
N LYS B 93 38.58 26.77 -9.49
CA LYS B 93 39.38 26.00 -8.51
C LYS B 93 39.13 26.42 -7.07
N THR B 94 37.88 26.76 -6.76
CA THR B 94 37.50 27.28 -5.46
C THR B 94 36.52 26.40 -4.67
N VAL B 95 35.44 25.97 -5.31
CA VAL B 95 34.41 25.15 -4.64
C VAL B 95 34.60 23.66 -4.87
N SER B 96 34.70 22.91 -3.78
CA SER B 96 34.92 21.45 -3.86
C SER B 96 33.69 20.68 -4.37
N CYS B 97 33.97 19.57 -5.05
CA CYS B 97 32.93 18.59 -5.43
C CYS B 97 32.18 18.04 -4.16
N ALA B 98 32.93 17.85 -3.09
CA ALA B 98 32.34 17.46 -1.82
C ALA B 98 31.27 18.42 -1.33
N ASP B 99 31.53 19.72 -1.38
CA ASP B 99 30.51 20.68 -0.97
C ASP B 99 29.31 20.75 -1.92
N ILE B 100 29.58 20.65 -3.22
CA ILE B 100 28.55 20.69 -4.23
C ILE B 100 27.55 19.60 -4.00
N LEU B 101 28.06 18.41 -3.64
CA LEU B 101 27.20 17.27 -3.43
C LEU B 101 26.37 17.42 -2.13
N ALA B 102 27.00 17.91 -1.07
CA ALA B 102 26.29 18.28 0.15
C ALA B 102 25.22 19.34 -0.13
N PHE B 103 25.58 20.35 -0.93
CA PHE B 103 24.63 21.42 -1.30
C PHE B 103 23.45 20.86 -2.11
N ALA B 104 23.78 20.06 -3.12
CA ALA B 104 22.76 19.51 -4.00
C ALA B 104 21.74 18.61 -3.29
N ALA B 105 22.21 17.80 -2.35
CA ALA B 105 21.30 16.98 -1.56
C ALA B 105 20.36 17.86 -0.78
N ARG B 106 20.88 18.98 -0.28
CA ARG B 106 20.06 19.96 0.44
C ARG B 106 19.02 20.58 -0.51
N ASP B 107 19.46 20.97 -1.70
CA ASP B 107 18.51 21.52 -2.68
C ASP B 107 17.40 20.50 -3.07
N SER B 108 17.71 19.21 -2.98
CA SER B 108 16.79 18.14 -3.36
C SER B 108 15.78 17.90 -2.24
N ALA B 109 16.25 17.99 -1.00
CA ALA B 109 15.36 17.95 0.16
C ALA B 109 14.34 19.08 0.08
N ALA B 110 14.76 20.23 -0.35
CA ALA B 110 13.82 21.35 -0.51
C ALA B 110 12.80 21.10 -1.61
N LEU B 111 13.29 20.73 -2.78
CA LEU B 111 12.43 20.44 -3.92
C LEU B 111 11.46 19.28 -3.68
N ALA B 112 11.91 18.23 -3.01
CA ALA B 112 11.08 17.03 -2.84
C ALA B 112 10.16 17.08 -1.62
N GLY B 113 10.55 17.79 -0.57
CA GLY B 113 9.75 17.80 0.65
C GLY B 113 9.57 19.13 1.32
N ASN B 114 10.02 20.20 0.68
CA ASN B 114 10.06 21.55 1.29
C ASN B 114 10.87 21.55 2.59
N ILE B 115 11.86 20.68 2.68
CA ILE B 115 12.71 20.62 3.86
C ILE B 115 13.90 21.55 3.62
N THR B 116 13.97 22.60 4.44
CA THR B 116 14.91 23.70 4.28
C THR B 116 15.86 23.77 5.46
N TYR B 117 17.14 23.60 5.18
CA TYR B 117 18.20 23.69 6.18
C TYR B 117 19.47 24.36 5.61
N GLN B 118 20.47 24.53 6.46
CA GLN B 118 21.74 25.09 6.00
C GLN B 118 22.94 24.15 6.12
N VAL B 119 23.89 24.37 5.24
CA VAL B 119 24.91 23.39 5.01
C VAL B 119 26.25 23.97 5.37
N PRO B 120 26.87 23.45 6.42
CA PRO B 120 28.25 23.88 6.65
C PRO B 120 29.14 23.40 5.48
N SER B 121 30.07 24.25 5.06
CA SER B 121 30.97 23.98 3.92
C SER B 121 32.45 24.17 4.32
N GLY B 122 33.35 24.02 3.33
CA GLY B 122 34.80 23.92 3.56
C GLY B 122 35.37 22.51 3.41
N ARG B 123 34.59 21.59 2.83
CA ARG B 123 35.05 20.23 2.52
C ARG B 123 36.04 20.30 1.38
N ARG B 124 36.95 19.34 1.37
CA ARG B 124 37.87 19.18 0.27
C ARG B 124 37.66 17.81 -0.35
N ASP B 125 38.13 17.67 -1.60
CA ASP B 125 38.00 16.41 -2.35
C ASP B 125 39.14 15.41 -2.18
N GLY B 126 38.77 14.14 -2.01
CA GLY B 126 39.76 13.06 -1.88
C GLY B 126 40.30 12.59 -3.23
N ASN B 127 41.37 11.82 -3.19
CA ASN B 127 41.97 11.25 -4.40
C ASN B 127 41.80 9.71 -4.49
N VAL B 128 41.05 9.12 -3.56
CA VAL B 128 40.88 7.65 -3.49
C VAL B 128 39.41 7.20 -3.61
N SER B 129 39.13 6.28 -4.52
CA SER B 129 37.82 5.64 -4.62
C SER B 129 37.90 4.15 -4.95
N LEU B 130 37.62 3.29 -3.97
CA LEU B 130 37.76 1.85 -4.15
C LEU B 130 36.40 1.15 -4.07
N ALA B 131 36.07 0.36 -5.09
CA ALA B 131 34.85 -0.47 -5.05
C ALA B 131 34.81 -1.36 -3.82
N SER B 132 35.98 -1.89 -3.47
CA SER B 132 36.11 -2.82 -2.35
C SER B 132 35.69 -2.17 -1.04
N GLU B 133 35.94 -0.87 -0.90
CA GLU B 133 35.48 -0.13 0.29
C GLU B 133 33.99 0.17 0.21
N ALA B 134 33.48 0.33 -1.00
CA ALA B 134 32.05 0.57 -1.20
C ALA B 134 31.27 -0.63 -0.68
N LEU B 135 31.70 -1.81 -1.11
CA LEU B 135 31.14 -3.07 -0.68
C LEU B 135 31.17 -3.19 0.83
N THR B 136 32.28 -2.82 1.43
CA THR B 136 32.48 -2.98 2.87
C THR B 136 31.60 -2.01 3.67
N ASN B 137 31.47 -0.77 3.20
CA ASN B 137 30.93 0.32 4.01
C ASN B 137 29.47 0.71 3.83
N ILE B 138 28.90 0.24 2.73
CA ILE B 138 27.54 0.58 2.42
C ILE B 138 26.63 -0.54 2.87
N PRO B 139 25.66 -0.22 3.76
CA PRO B 139 24.85 -1.29 4.24
C PRO B 139 23.98 -1.84 3.13
N ALA B 140 23.63 -3.12 3.27
CA ALA B 140 22.79 -3.83 2.35
C ALA B 140 21.35 -3.77 2.84
N PRO B 141 20.40 -3.82 1.90
CA PRO B 141 19.00 -3.90 2.29
C PRO B 141 18.58 -5.19 3.04
N THR B 142 19.48 -6.20 3.12
CA THR B 142 19.23 -7.45 3.86
C THR B 142 19.62 -7.39 5.35
N PHE B 143 20.14 -6.24 5.77
CA PHE B 143 20.53 -6.03 7.18
C PHE B 143 19.33 -6.09 8.11
N ASN B 144 19.51 -6.79 9.24
CA ASN B 144 18.57 -6.73 10.36
C ASN B 144 18.83 -5.45 11.13
N ALA B 145 17.97 -5.20 12.11
CA ALA B 145 18.03 -3.98 12.93
C ALA B 145 19.38 -3.74 13.61
N THR B 146 19.91 -4.78 14.25
CA THR B 146 21.22 -4.73 14.90
C THR B 146 22.33 -4.31 13.93
N GLN B 147 22.31 -4.94 12.75
CA GLN B 147 23.29 -4.65 11.71
C GLN B 147 23.22 -3.20 11.17
N LEU B 148 22.02 -2.72 10.96
CA LEU B 148 21.85 -1.31 10.59
C LEU B 148 22.41 -0.43 11.70
N ILE B 149 22.10 -0.77 12.96
CA ILE B 149 22.50 0.08 14.06
C ILE B 149 24.02 0.18 14.11
N ASN B 150 24.70 -0.94 13.83
CA ASN B 150 26.18 -1.04 13.90
C ASN B 150 26.92 -0.39 12.72
N SER B 151 26.32 -0.37 11.52
CA SER B 151 26.90 0.45 10.43
C SER B 151 27.02 1.88 10.88
N PHE B 152 25.90 2.38 11.38
CA PHE B 152 25.73 3.76 11.68
C PHE B 152 26.53 4.23 12.91
N ALA B 153 26.57 3.37 13.93
CA ALA B 153 27.48 3.59 15.04
C ALA B 153 28.91 3.69 14.49
N GLY B 154 29.24 2.78 13.56
CA GLY B 154 30.51 2.79 12.82
C GLY B 154 30.84 4.14 12.20
N LYS B 155 29.83 4.90 11.84
CA LYS B 155 29.99 6.26 11.37
C LYS B 155 29.53 7.31 12.42
N ASN B 156 29.69 6.98 13.70
CA ASN B 156 29.30 7.87 14.81
C ASN B 156 27.88 8.45 14.63
N LEU B 157 26.92 7.63 14.23
CA LEU B 157 25.51 8.02 14.18
C LEU B 157 24.67 7.12 15.05
N THR B 158 23.82 7.78 15.83
CA THR B 158 22.98 7.09 16.79
C THR B 158 21.95 6.28 16.04
N ALA B 159 21.44 5.27 16.71
CA ALA B 159 20.31 4.48 16.23
C ALA B 159 19.12 5.35 15.82
N ASP B 160 18.79 6.30 16.68
CA ASP B 160 17.68 7.21 16.42
C ASP B 160 17.86 7.98 15.11
N GLU B 161 19.11 8.34 14.84
CA GLU B 161 19.46 9.04 13.62
C GLU B 161 19.49 8.12 12.43
N MET B 162 19.87 6.87 12.66
CA MET B 162 19.71 5.87 11.66
C MET B 162 18.22 5.86 11.21
N VAL B 163 17.32 5.81 12.18
CA VAL B 163 15.87 5.74 11.88
C VAL B 163 15.40 7.00 11.17
N THR B 164 15.91 8.14 11.61
CA THR B 164 15.54 9.39 11.03
C THR B 164 15.97 9.38 9.59
N LEU B 165 17.19 8.96 9.35
CA LEU B 165 17.74 9.06 8.01
C LEU B 165 17.11 8.03 7.04
N SER B 166 16.71 6.87 7.54
CA SER B 166 15.97 5.90 6.72
C SER B 166 14.76 6.53 5.99
N GLY B 167 14.20 7.55 6.63
CA GLY B 167 13.10 8.33 6.06
C GLY B 167 13.39 8.95 4.69
N ALA B 168 14.65 8.94 4.28
CA ALA B 168 14.97 9.26 2.89
C ALA B 168 14.25 8.36 1.91
N HIS B 169 14.00 7.12 2.31
CA HIS B 169 13.22 6.18 1.49
C HIS B 169 11.73 6.52 1.40
N SER B 170 11.40 7.76 1.77
CA SER B 170 10.03 8.28 1.67
C SER B 170 9.84 8.73 0.26
N ILE B 171 10.95 8.90 -0.44
CA ILE B 171 10.95 9.17 -1.89
C ILE B 171 11.87 8.19 -2.59
N GLY B 172 11.94 8.27 -3.91
CA GLY B 172 12.90 7.51 -4.70
C GLY B 172 12.44 6.10 -4.96
N VAL B 173 13.23 5.33 -5.71
CA VAL B 173 12.84 3.97 -6.07
C VAL B 173 13.88 2.89 -5.70
N SER B 174 13.44 1.63 -5.87
CA SER B 174 14.29 0.44 -5.72
C SER B 174 14.18 -0.46 -6.95
N HIS B 175 15.32 -0.99 -7.37
CA HIS B 175 15.35 -2.02 -8.35
C HIS B 175 14.77 -3.27 -7.72
N CYS B 176 14.19 -4.14 -8.55
CA CYS B 176 13.65 -5.39 -8.09
C CYS B 176 14.67 -6.17 -7.27
N PHE B 177 15.90 -6.27 -7.78
CA PHE B 177 16.93 -7.07 -7.12
C PHE B 177 17.03 -6.77 -5.64
N SER B 178 16.93 -5.50 -5.27
CA SER B 178 17.22 -5.09 -3.90
C SER B 178 16.23 -5.67 -2.86
N PHE B 179 15.00 -5.99 -3.28
CA PHE B 179 14.01 -6.64 -2.41
C PHE B 179 13.57 -8.02 -2.86
N LEU B 180 14.27 -8.60 -3.82
CA LEU B 180 13.90 -9.92 -4.38
C LEU B 180 13.95 -11.02 -3.32
N ASN B 181 14.85 -10.90 -2.35
CA ASN B 181 14.89 -11.89 -1.26
C ASN B 181 13.50 -12.10 -0.64
N ARG B 182 12.67 -11.07 -0.65
CA ARG B 182 11.40 -11.11 0.08
C ARG B 182 10.22 -11.70 -0.68
N ILE B 183 10.35 -11.85 -1.98
CA ILE B 183 9.20 -12.24 -2.79
C ILE B 183 9.42 -13.52 -3.56
N TYR B 184 10.68 -13.97 -3.62
CA TYR B 184 10.98 -15.33 -4.10
C TYR B 184 11.89 -16.06 -3.10
N ASN B 185 11.56 -17.34 -2.88
CA ASN B 185 12.35 -18.30 -2.09
C ASN B 185 12.80 -17.73 -0.73
N PHE B 186 11.90 -17.04 -0.03
CA PHE B 186 12.23 -16.38 1.26
C PHE B 186 12.67 -17.36 2.31
N SER B 187 11.98 -18.49 2.37
CA SER B 187 12.31 -19.53 3.35
C SER B 187 11.97 -20.92 2.79
N ASN B 188 12.17 -21.94 3.62
CA ASN B 188 11.66 -23.31 3.39
C ASN B 188 10.15 -23.37 3.65
N THR B 189 9.70 -22.53 4.57
CA THR B 189 8.34 -22.53 5.07
C THR B 189 7.39 -21.73 4.17
N SER B 190 7.91 -20.70 3.48
CA SER B 190 7.13 -19.90 2.52
C SER B 190 7.96 -19.14 1.48
N GLN B 191 7.33 -18.85 0.35
CA GLN B 191 7.97 -18.18 -0.79
C GLN B 191 8.18 -16.72 -0.53
N VAL B 192 7.32 -16.15 0.30
CA VAL B 192 7.24 -14.74 0.51
C VAL B 192 7.42 -14.41 1.99
N ASP B 193 8.01 -13.27 2.24
CA ASP B 193 8.23 -12.75 3.58
C ASP B 193 6.87 -12.46 4.24
N PRO B 194 6.56 -13.12 5.35
CA PRO B 194 5.30 -12.89 6.06
C PRO B 194 5.08 -11.46 6.59
N THR B 195 6.19 -10.71 6.75
CA THR B 195 6.14 -9.34 7.28
C THR B 195 5.87 -8.33 6.18
N LEU B 196 5.63 -8.83 4.98
CA LEU B 196 5.28 -8.01 3.81
C LEU B 196 3.89 -8.39 3.36
N SER B 197 3.05 -7.39 3.14
CA SER B 197 1.67 -7.59 2.74
C SER B 197 1.57 -8.58 1.57
N SER B 198 0.72 -9.61 1.73
CA SER B 198 0.61 -10.67 0.72
C SER B 198 0.05 -10.12 -0.57
N SER B 199 -0.86 -9.14 -0.50
CA SER B 199 -1.33 -8.45 -1.73
C SER B 199 -0.21 -7.71 -2.45
N TYR B 200 0.62 -7.01 -1.68
CA TYR B 200 1.75 -6.24 -2.24
C TYR B 200 2.74 -7.20 -2.90
N ALA B 201 3.02 -8.29 -2.20
CA ALA B 201 3.93 -9.32 -2.65
C ALA B 201 3.50 -9.86 -3.98
N ASP B 202 2.20 -10.16 -4.07
CA ASP B 202 1.64 -10.70 -5.28
C ASP B 202 1.87 -9.72 -6.41
N LEU B 203 1.71 -8.43 -6.11
CA LEU B 203 1.87 -7.41 -7.14
C LEU B 203 3.33 -7.25 -7.57
N LEU B 204 4.23 -7.35 -6.59
CA LEU B 204 5.64 -7.21 -6.82
C LEU B 204 6.20 -8.41 -7.62
N ARG B 205 5.67 -9.60 -7.36
CA ARG B 205 6.01 -10.81 -8.11
C ARG B 205 5.63 -10.69 -9.56
N THR B 206 4.50 -10.04 -9.81
CA THR B 206 4.01 -9.87 -11.17
C THR B 206 4.82 -8.82 -11.93
N LYS B 207 5.29 -7.79 -11.24
CA LYS B 207 6.14 -6.73 -11.83
C LYS B 207 7.58 -7.21 -12.06
N CYS B 208 8.08 -8.02 -11.12
CA CYS B 208 9.51 -8.36 -10.97
C CYS B 208 9.71 -9.86 -11.05
N PRO B 209 10.32 -10.34 -12.15
CA PRO B 209 10.49 -11.76 -12.34
C PRO B 209 11.57 -12.38 -11.44
N SER B 210 11.47 -13.70 -11.25
CA SER B 210 12.39 -14.45 -10.40
C SER B 210 13.85 -14.37 -10.87
N ASN B 211 14.06 -14.34 -12.18
CA ASN B 211 15.42 -14.22 -12.75
C ASN B 211 16.02 -12.80 -12.75
N SER B 212 15.35 -11.85 -12.11
CA SER B 212 15.86 -10.48 -12.04
C SER B 212 17.29 -10.41 -11.50
N THR B 213 18.10 -9.56 -12.12
CA THR B 213 19.46 -9.25 -11.65
C THR B 213 19.51 -7.78 -11.22
N ARG B 214 20.68 -7.32 -10.75
CA ARG B 214 20.82 -5.90 -10.33
C ARG B 214 20.80 -4.93 -11.54
N PHE B 215 20.96 -5.48 -12.75
CA PHE B 215 20.88 -4.68 -13.97
C PHE B 215 19.48 -4.66 -14.59
N THR B 216 18.60 -5.55 -14.15
CA THR B 216 17.24 -5.56 -14.60
C THR B 216 16.66 -4.18 -14.32
N PRO B 217 16.26 -3.46 -15.38
CA PRO B 217 15.80 -2.09 -15.22
C PRO B 217 14.32 -2.05 -14.88
N ILE B 218 13.94 -2.57 -13.72
CA ILE B 218 12.57 -2.53 -13.29
C ILE B 218 12.63 -1.98 -11.88
N THR B 219 11.93 -0.89 -11.64
CA THR B 219 11.98 -0.26 -10.36
C THR B 219 10.60 -0.15 -9.75
N VAL B 220 10.55 0.11 -8.45
CA VAL B 220 9.30 0.27 -7.72
C VAL B 220 9.55 1.30 -6.63
N SER B 221 8.68 2.27 -6.50
CA SER B 221 8.84 3.28 -5.43
C SER B 221 8.99 2.69 -4.06
N LEU B 222 9.88 3.23 -3.28
CA LEU B 222 10.04 2.78 -1.89
C LEU B 222 8.86 3.18 -1.03
N ASP B 223 8.17 4.25 -1.34
CA ASP B 223 7.04 4.61 -0.50
C ASP B 223 5.82 4.56 -1.34
N ILE B 224 5.05 3.50 -1.16
CA ILE B 224 3.82 3.34 -1.85
C ILE B 224 2.79 4.38 -1.49
N ILE B 225 2.88 5.03 -0.32
CA ILE B 225 1.87 6.03 0.10
C ILE B 225 1.98 7.39 -0.63
N THR B 226 3.16 8.02 -0.55
CA THR B 226 3.44 9.28 -1.25
C THR B 226 4.80 9.14 -1.92
N PRO B 227 4.81 8.44 -3.05
CA PRO B 227 6.02 8.09 -3.76
C PRO B 227 6.98 9.23 -4.06
N THR B 228 6.50 10.45 -4.27
CA THR B 228 7.42 11.54 -4.62
C THR B 228 7.49 12.66 -3.59
N VAL B 229 6.84 12.51 -2.46
CA VAL B 229 6.92 13.51 -1.42
C VAL B 229 7.79 12.97 -0.27
N LEU B 230 8.87 13.71 0.04
CA LEU B 230 9.76 13.41 1.15
C LEU B 230 9.11 13.85 2.45
N ASP B 231 8.32 12.94 3.02
CA ASP B 231 7.54 13.23 4.21
C ASP B 231 7.65 12.02 5.13
N ASN B 232 6.82 11.96 6.17
CA ASN B 232 6.85 10.85 7.15
C ASN B 232 6.00 9.62 6.83
N ARG B 233 5.45 9.55 5.63
CA ARG B 233 4.62 8.42 5.21
C ARG B 233 5.39 7.12 5.13
N TYR B 234 6.66 7.19 4.79
CA TYR B 234 7.54 6.04 4.89
C TYR B 234 7.26 5.30 6.22
N TYR B 235 7.24 6.04 7.33
CA TYR B 235 7.13 5.43 8.68
C TYR B 235 5.78 4.78 8.96
N THR B 236 4.72 5.42 8.51
CA THR B 236 3.41 4.77 8.48
C THR B 236 3.43 3.43 7.72
N GLY B 237 3.91 3.50 6.46
CA GLY B 237 3.99 2.34 5.59
C GLY B 237 4.76 1.20 6.19
N VAL B 238 5.88 1.51 6.86
CA VAL B 238 6.66 0.45 7.56
C VAL B 238 5.86 -0.28 8.66
N GLN B 239 5.06 0.48 9.42
CA GLN B 239 4.21 -0.11 10.44
C GLN B 239 3.06 -0.93 9.84
N LEU B 240 2.64 -0.63 8.61
CA LEU B 240 1.51 -1.33 7.99
C LEU B 240 1.87 -2.56 7.16
N THR B 241 3.08 -3.04 7.32
CA THR B 241 3.63 -4.11 6.50
C THR B 241 3.89 -3.72 5.07
N LEU B 242 3.92 -2.41 4.80
CA LEU B 242 4.12 -1.90 3.44
C LEU B 242 5.55 -1.42 3.21
N GLY B 243 6.43 -1.67 4.18
CA GLY B 243 7.83 -1.41 4.01
C GLY B 243 8.40 -2.30 2.91
N LEU B 244 9.12 -1.71 1.97
CA LEU B 244 9.54 -2.45 0.80
C LEU B 244 10.84 -3.24 1.01
N LEU B 245 11.86 -2.58 1.60
CA LEU B 245 13.17 -3.25 1.82
C LEU B 245 13.17 -4.00 3.14
N THR B 246 13.95 -5.07 3.19
CA THR B 246 14.14 -5.83 4.43
C THR B 246 14.60 -4.82 5.53
N SER B 247 15.51 -3.93 5.14
CA SER B 247 16.12 -2.99 6.07
C SER B 247 15.11 -1.92 6.52
N ASP B 248 14.09 -1.73 5.69
CA ASP B 248 12.95 -0.86 6.01
C ASP B 248 12.06 -1.53 7.08
N GLN B 249 11.65 -2.76 6.82
CA GLN B 249 10.86 -3.54 7.76
C GLN B 249 11.60 -3.83 9.09
N ALA B 250 12.92 -3.88 9.02
CA ALA B 250 13.76 -4.05 10.21
C ALA B 250 13.49 -3.05 11.34
N LEU B 251 12.95 -1.91 10.99
CA LEU B 251 12.83 -0.83 11.92
C LEU B 251 11.73 -1.02 12.92
N VAL B 252 10.82 -1.97 12.67
CA VAL B 252 9.75 -2.28 13.65
C VAL B 252 9.95 -3.61 14.40
N THR B 253 11.11 -4.24 14.18
CA THR B 253 11.48 -5.52 14.79
C THR B 253 12.30 -5.37 16.09
N GLU B 254 12.47 -4.13 16.58
CA GLU B 254 13.21 -3.84 17.80
C GLU B 254 12.55 -2.64 18.49
N ALA B 255 12.30 -2.78 19.80
CA ALA B 255 11.57 -1.79 20.63
C ALA B 255 11.93 -0.29 20.52
N ASN B 256 13.20 0.07 20.70
CA ASN B 256 13.56 1.50 20.67
C ASN B 256 13.42 2.04 19.25
N LEU B 257 13.75 1.23 18.24
CA LEU B 257 13.58 1.63 16.85
C LEU B 257 12.11 1.77 16.52
N SER B 258 11.35 0.75 16.89
CA SER B 258 9.91 0.74 16.65
C SER B 258 9.19 1.98 17.23
N ALA B 259 9.66 2.48 18.38
CA ALA B 259 9.06 3.68 19.00
C ALA B 259 9.41 4.97 18.25
N ALA B 260 10.68 5.10 17.86
CA ALA B 260 11.13 6.20 16.99
C ALA B 260 10.29 6.29 15.71
N VAL B 261 9.93 5.14 15.15
CA VAL B 261 9.07 5.08 13.97
C VAL B 261 7.68 5.67 14.25
N LYS B 262 7.06 5.22 15.34
CA LYS B 262 5.76 5.72 15.80
C LYS B 262 5.79 7.23 15.90
N ASN B 263 6.86 7.79 16.46
CA ASN B 263 6.96 9.26 16.63
C ASN B 263 7.14 9.98 15.31
N ASN B 264 8.11 9.52 14.53
CA ASN B 264 8.22 9.98 13.15
C ASN B 264 6.91 9.91 12.37
N ALA B 265 6.24 8.76 12.45
CA ALA B 265 4.92 8.60 11.81
C ALA B 265 3.87 9.56 12.40
N ASP B 266 3.81 9.64 13.74
CA ASP B 266 2.84 10.50 14.47
C ASP B 266 3.03 11.99 14.19
N ASN B 267 4.25 12.43 13.90
CA ASN B 267 4.59 13.86 13.78
C ASN B 267 5.51 14.31 12.63
N LEU B 268 4.96 15.03 11.66
CA LEU B 268 5.71 15.49 10.48
C LEU B 268 6.80 16.51 10.77
N THR B 269 6.41 17.63 11.33
CA THR B 269 7.37 18.68 11.67
C THR B 269 8.52 18.13 12.53
N ALA B 270 8.16 17.33 13.52
CA ALA B 270 9.15 16.72 14.39
C ALA B 270 10.16 15.92 13.61
N TRP B 271 9.69 15.03 12.72
CA TRP B 271 10.61 14.25 11.86
C TRP B 271 11.44 15.11 10.94
N VAL B 272 10.76 16.03 10.23
CA VAL B 272 11.42 17.04 9.41
C VAL B 272 12.57 17.75 10.16
N ALA B 273 12.28 18.31 11.32
CA ALA B 273 13.33 18.96 12.10
C ALA B 273 14.49 17.99 12.38
N GLU B 274 14.15 16.77 12.76
CA GLU B 274 15.17 15.75 13.03
C GLU B 274 15.97 15.44 11.80
N PHE B 275 15.31 15.32 10.64
CA PHE B 275 15.98 14.88 9.38
C PHE B 275 17.00 15.89 8.95
N ALA B 276 16.60 17.15 8.96
CA ALA B 276 17.55 18.22 8.67
C ALA B 276 18.79 18.15 9.55
N GLN B 277 18.64 17.78 10.81
CA GLN B 277 19.81 17.65 11.69
C GLN B 277 20.71 16.46 11.33
N ALA B 278 20.08 15.31 11.14
CA ALA B 278 20.81 14.11 10.90
C ALA B 278 21.59 14.24 9.62
N ILE B 279 21.02 14.91 8.64
CA ILE B 279 21.67 14.89 7.36
C ILE B 279 22.79 15.92 7.37
N VAL B 280 22.62 17.01 8.14
CA VAL B 280 23.73 17.94 8.37
C VAL B 280 24.87 17.25 9.13
N LYS B 281 24.49 16.45 10.11
CA LYS B 281 25.45 15.65 10.86
C LYS B 281 26.12 14.59 9.97
N MET B 282 25.36 13.91 9.12
CA MET B 282 25.90 12.94 8.18
C MET B 282 26.92 13.58 7.26
N GLY B 283 26.63 14.80 6.85
CA GLY B 283 27.49 15.54 5.94
C GLY B 283 28.79 15.99 6.53
N GLN B 284 29.13 15.52 7.72
CA GLN B 284 30.36 15.97 8.41
C GLN B 284 31.25 14.82 8.84
N ILE B 285 31.04 13.64 8.25
CA ILE B 285 31.76 12.43 8.60
C ILE B 285 33.11 12.47 7.92
N GLU B 286 34.19 12.48 8.71
CA GLU B 286 35.57 12.30 8.22
C GLU B 286 35.89 13.15 7.02
N VAL B 287 35.55 14.41 7.14
CA VAL B 287 35.70 15.36 6.05
C VAL B 287 37.12 15.81 6.01
N LEU B 288 37.55 16.24 4.85
CA LEU B 288 38.84 16.85 4.69
C LEU B 288 38.64 18.37 4.73
N THR B 289 39.49 19.05 5.50
CA THR B 289 39.44 20.50 5.60
C THR B 289 40.84 21.16 5.51
N GLY B 290 40.84 22.49 5.45
CA GLY B 290 42.08 23.27 5.43
C GLY B 290 42.83 23.16 4.11
N THR B 291 44.00 22.52 4.16
CA THR B 291 44.81 22.20 2.97
C THR B 291 44.66 20.74 2.58
N GLN B 292 44.00 19.94 3.42
CA GLN B 292 43.85 18.52 3.11
C GLN B 292 43.11 18.35 1.78
N GLY B 293 43.48 17.30 1.03
CA GLY B 293 42.94 17.04 -0.31
C GLY B 293 43.09 18.20 -1.28
N GLU B 294 42.20 18.25 -2.27
CA GLU B 294 42.26 19.28 -3.28
C GLU B 294 40.89 19.83 -3.63
N ILE B 295 40.89 20.81 -4.53
CA ILE B 295 39.68 21.21 -5.17
C ILE B 295 39.68 20.62 -6.55
N ARG B 296 38.89 19.58 -6.69
CA ARG B 296 38.86 18.79 -7.90
C ARG B 296 38.15 19.61 -8.94
N THR B 297 38.78 19.81 -10.08
CA THR B 297 38.28 20.75 -11.08
C THR B 297 37.23 20.05 -11.95
N ASN B 298 37.39 18.75 -12.14
CA ASN B 298 36.45 17.90 -12.85
C ASN B 298 36.10 16.83 -11.83
N CYS B 299 34.83 16.70 -11.50
CA CYS B 299 34.41 15.79 -10.44
C CYS B 299 34.71 14.33 -10.72
N SER B 300 34.65 13.93 -11.99
CA SER B 300 34.89 12.53 -12.38
C SER B 300 36.31 12.03 -12.37
N VAL B 301 37.25 12.92 -12.12
CA VAL B 301 38.65 12.55 -12.17
C VAL B 301 39.49 13.42 -11.23
N VAL B 302 40.40 12.77 -10.52
CA VAL B 302 41.52 13.38 -9.82
C VAL B 302 42.29 14.36 -10.73
N ASN B 303 42.67 15.50 -10.16
CA ASN B 303 43.44 16.57 -10.87
C ASN B 303 44.84 16.14 -11.40
C1 NAG C . -30.69 -28.65 -6.99
C2 NAG C . -29.68 -29.76 -7.27
C3 NAG C . -28.54 -29.06 -8.06
C4 NAG C . -29.14 -28.57 -9.35
C5 NAG C . -30.21 -27.55 -9.01
C6 NAG C . -30.94 -27.06 -10.27
C7 NAG C . -29.41 -31.45 -5.41
C8 NAG C . -28.97 -31.62 -3.98
N2 NAG C . -29.34 -30.20 -5.92
O3 NAG C . -27.27 -29.66 -8.29
O4 NAG C . -28.20 -27.86 -10.11
O5 NAG C . -31.16 -28.20 -8.22
O6 NAG C . -32.18 -27.75 -10.44
O7 NAG C . -29.82 -32.43 -6.04
C1 NAG C . -26.58 -30.01 -7.04
C2 NAG C . -25.37 -29.15 -6.48
C3 NAG C . -23.96 -29.80 -6.49
C4 NAG C . -23.95 -31.33 -6.46
C5 NAG C . -25.01 -31.85 -7.44
C6 NAG C . -25.06 -33.38 -7.48
C7 NAG C . -25.71 -26.69 -6.31
C8 NAG C . -25.38 -25.34 -6.89
N2 NAG C . -25.17 -27.75 -6.93
O3 NAG C . -23.14 -29.23 -5.49
O4 NAG C . -22.65 -31.81 -6.81
O5 NAG C . -26.29 -31.41 -7.03
O6 NAG C . -26.32 -33.79 -7.94
O7 NAG C . -26.47 -26.79 -5.35
C1 MAN C . -21.70 -31.85 -5.72
C2 MAN C . -21.33 -33.32 -5.39
C3 MAN C . -20.38 -33.27 -4.16
C4 MAN C . -19.24 -32.27 -4.35
C5 MAN C . -19.62 -30.91 -5.00
C6 MAN C . -18.36 -30.16 -5.49
O2 MAN C . -20.89 -34.05 -6.54
O3 MAN C . -19.83 -34.53 -3.76
O4 MAN C . -18.71 -32.03 -3.07
O5 MAN C . -20.57 -31.06 -6.06
O6 MAN C . -18.61 -29.11 -6.41
C1 NAG D . -13.52 3.76 20.85
C2 NAG D . -13.31 4.89 21.85
C3 NAG D . -14.27 4.78 23.05
C4 NAG D . -15.71 4.58 22.63
C5 NAG D . -15.83 3.52 21.55
C6 NAG D . -17.20 3.46 20.88
C7 NAG D . -11.10 5.97 21.98
C8 NAG D . -9.68 5.90 22.47
N2 NAG D . -11.91 4.93 22.24
O3 NAG D . -14.25 5.99 23.79
O4 NAG D . -16.46 4.22 23.79
O5 NAG D . -14.90 3.78 20.53
O6 NAG D . -17.54 2.10 20.76
O7 NAG D . -11.45 6.98 21.38
C1 FUC D . -13.36 5.95 24.92
C2 FUC D . -12.96 7.36 25.40
C3 FUC D . -14.17 8.02 26.08
C4 FUC D . -14.66 7.12 27.23
C5 FUC D . -14.94 5.70 26.71
C6 FUC D . -15.39 4.72 27.81
O2 FUC D . -12.50 8.17 24.35
O3 FUC D . -13.82 9.30 26.57
O4 FUC D . -13.64 7.12 28.20
O5 FUC D . -13.81 5.18 26.02
C1 NAG D . -17.66 4.99 24.00
C2 NAG D . -18.41 4.36 25.17
C3 NAG D . -19.62 5.19 25.66
C4 NAG D . -19.31 6.69 25.71
C5 NAG D . -18.53 7.13 24.47
C6 NAG D . -18.14 8.61 24.59
C7 NAG D . -17.94 1.94 25.16
C8 NAG D . -18.42 0.55 24.83
N2 NAG D . -18.76 2.97 24.88
O3 NAG D . -20.00 4.76 26.97
O4 NAG D . -20.49 7.50 25.85
O5 NAG D . -17.36 6.34 24.31
O6 NAG D . -18.37 9.23 23.35
O7 NAG D . -16.82 2.07 25.66
C1 NAG E . 28.29 33.96 5.76
C2 NAG E . 28.77 33.68 7.15
C3 NAG E . 27.58 33.27 8.01
C4 NAG E . 26.50 34.35 8.00
C5 NAG E . 26.17 34.73 6.58
C6 NAG E . 25.30 35.99 6.56
C7 NAG E . 31.08 32.87 7.31
C8 NAG E . 32.01 31.68 7.31
N2 NAG E . 29.78 32.63 7.15
O3 NAG E . 28.00 33.00 9.35
O4 NAG E . 25.33 33.81 8.59
O5 NAG E . 27.34 35.00 5.82
O6 NAG E . 25.22 36.47 5.24
O7 NAG E . 31.53 34.01 7.43
C1 FUC E . 28.05 31.58 9.64
C2 FUC E . 29.16 31.36 10.67
C3 FUC E . 28.68 31.72 12.06
C4 FUC E . 27.42 30.91 12.38
C5 FUC E . 26.33 31.23 11.34
C6 FUC E . 25.05 30.40 11.50
O2 FUC E . 30.24 32.19 10.34
O3 FUC E . 29.73 31.51 12.98
O4 FUC E . 27.74 29.52 12.37
O5 FUC E . 26.79 31.04 10.02
C1 NAG E . 24.77 34.62 9.66
C2 NAG E . 23.36 34.11 10.00
C3 NAG E . 22.70 35.00 11.09
C4 NAG E . 23.60 35.05 12.33
C5 NAG E . 25.05 35.44 11.91
C6 NAG E . 26.05 35.35 13.05
C7 NAG E . 22.18 32.92 8.22
C8 NAG E . 21.37 33.08 6.95
N2 NAG E . 22.58 34.07 8.78
O3 NAG E . 21.40 34.56 11.47
O4 NAG E . 23.01 35.93 13.30
O5 NAG E . 25.53 34.62 10.85
O6 NAG E . 27.24 34.76 12.55
O7 NAG E . 22.47 31.80 8.68
CA CA F . -8.30 -6.00 6.41
CA CA G . -32.93 -10.76 -2.76
C1 MAN H . -23.32 -27.24 -9.88
C2 MAN H . -24.29 -27.81 -10.90
C3 MAN H . -23.92 -29.25 -11.25
C4 MAN H . -22.44 -29.45 -11.54
C5 MAN H . -21.62 -29.00 -10.32
C6 MAN H . -20.09 -29.11 -10.48
O1 MAN H . -23.38 -27.86 -8.62
O2 MAN H . -24.33 -26.96 -12.03
O3 MAN H . -24.66 -29.61 -12.36
O4 MAN H . -22.20 -30.81 -11.79
O5 MAN H . -21.95 -27.65 -9.99
O6 MAN H . -19.55 -29.83 -9.39
C1 NAG I . -33.86 -19.23 21.70
C2 NAG I . -34.71 -17.93 21.85
C3 NAG I . -33.93 -16.68 22.32
C4 NAG I . -33.27 -17.12 23.64
C5 NAG I . -32.34 -18.31 23.33
C6 NAG I . -31.42 -18.63 24.52
C7 NAG I . -36.67 -17.96 20.45
C8 NAG I . -37.35 -17.61 19.15
N2 NAG I . -35.40 -17.64 20.61
O3 NAG I . -34.68 -15.47 22.41
O4 NAG I . -32.62 -16.06 24.32
O5 NAG I . -33.07 -19.48 22.87
O6 NAG I . -31.79 -19.83 25.17
O7 NAG I . -37.31 -18.52 21.34
C1 NAG J . -44.86 -17.17 -6.20
C2 NAG J . -46.17 -16.61 -5.72
C3 NAG J . -47.35 -17.53 -6.07
C4 NAG J . -47.28 -17.98 -7.53
C5 NAG J . -45.90 -18.58 -7.79
C6 NAG J . -45.60 -18.97 -9.23
C7 NAG J . -45.52 -15.30 -3.76
C8 NAG J . -45.59 -15.17 -2.27
N2 NAG J . -46.12 -16.38 -4.29
O3 NAG J . -48.60 -16.87 -5.85
O4 NAG J . -48.35 -18.88 -7.83
O5 NAG J . -44.98 -17.54 -7.56
O6 NAG J . -44.19 -19.05 -9.31
O7 NAG J . -44.95 -14.47 -4.46
C1 NAG K . -6.34 3.76 -23.35
C2 NAG K . -5.56 4.84 -24.18
C3 NAG K . -4.58 4.34 -25.24
C4 NAG K . -3.50 3.57 -24.49
C5 NAG K . -4.13 2.48 -23.58
C6 NAG K . -3.03 2.07 -22.58
C7 NAG K . -6.62 6.98 -24.73
C8 NAG K . -7.90 7.61 -25.21
N2 NAG K . -6.63 5.65 -24.71
O3 NAG K . -4.08 5.46 -25.93
O4 NAG K . -2.50 3.04 -25.37
O5 NAG K . -5.31 2.89 -22.81
O6 NAG K . -2.66 0.70 -22.62
O7 NAG K . -5.68 7.67 -24.40
S SO4 L . -18.96 -21.45 -6.15
O1 SO4 L . -18.45 -20.09 -6.49
O2 SO4 L . -19.08 -22.31 -7.35
O3 SO4 L . -20.29 -21.35 -5.57
O4 SO4 L . -18.09 -22.12 -5.14
C1 PEG M . -22.57 -20.25 -11.09
O1 PEG M . -23.04 -20.71 -9.80
C2 PEG M . -23.61 -19.37 -11.80
O2 PEG M . -24.22 -19.97 -12.94
C3 PEG M . -25.12 -21.05 -12.61
C4 PEG M . -25.45 -21.85 -13.88
O4 PEG M . -25.87 -23.20 -13.56
CHA HEM N . -16.27 -6.82 -3.33
CHB HEM N . -18.62 -2.97 -5.01
CHC HEM N . -20.54 -2.37 -0.56
CHD HEM N . -18.93 -6.62 0.72
C1A HEM N . -16.75 -5.84 -4.17
C2A HEM N . -16.38 -5.65 -5.52
C3A HEM N . -17.04 -4.59 -6.00
C4A HEM N . -17.84 -4.10 -4.94
CMA HEM N . -16.90 -4.05 -7.41
CAA HEM N . -15.43 -6.45 -6.36
CBA HEM N . -16.18 -7.32 -7.40
CGA HEM N . -15.24 -7.86 -8.48
O1A HEM N . -14.64 -8.96 -8.35
O2A HEM N . -14.97 -7.18 -9.49
C1B HEM N . -19.30 -2.44 -3.91
C2B HEM N . -20.00 -1.21 -3.91
C3B HEM N . -20.56 -1.05 -2.68
C4B HEM N . -20.14 -2.19 -1.88
CMB HEM N . -20.14 -0.29 -5.09
CAB HEM N . -21.27 0.12 -2.14
CBB HEM N . -20.99 0.50 -0.87
C1C HEM N . -20.37 -3.52 0.17
C2C HEM N . -21.10 -3.90 1.32
C3C HEM N . -20.62 -5.16 1.67
C4C HEM N . -19.64 -5.48 0.70
CMC HEM N . -22.19 -3.14 2.04
CAC HEM N . -21.01 -6.06 2.80
CBC HEM N . -21.99 -5.83 3.65
C1D HEM N . -18.05 -6.94 -0.29
C2D HEM N . -17.18 -8.13 -0.14
C3D HEM N . -16.45 -8.21 -1.27
C4D HEM N . -16.84 -7.04 -2.08
CMD HEM N . -17.17 -9.07 1.01
CAD HEM N . -15.39 -9.27 -1.59
CBD HEM N . -15.89 -10.32 -2.58
CGD HEM N . -15.04 -11.57 -2.69
O1D HEM N . -13.84 -11.55 -2.37
O2D HEM N . -15.55 -12.64 -3.11
NA HEM N . -17.64 -4.85 -3.82
NB HEM N . -19.43 -2.95 -2.69
NC HEM N . -19.55 -4.51 -0.21
ND HEM N . -17.81 -6.33 -1.47
FE HEM N . -18.57 -4.71 -2.05
C1 EDO O . -2.34 9.03 8.69
O1 EDO O . -3.72 8.84 8.25
C2 EDO O . -1.90 8.06 9.81
O2 EDO O . -1.09 8.80 10.76
O1 PEO P . -20.07 -5.37 -3.70
O2 PEO P . -20.98 -5.49 -4.88
C1 NAG Q . 4.84 17.56 17.12
C2 NAG Q . 3.79 18.46 17.81
C3 NAG Q . 4.26 19.91 18.01
C4 NAG Q . 5.62 19.92 18.71
C5 NAG Q . 6.54 19.01 17.90
C6 NAG Q . 7.96 18.97 18.41
C7 NAG Q . 1.51 17.61 17.57
C8 NAG Q . 0.15 17.74 16.93
N2 NAG Q . 2.46 18.47 17.21
O3 NAG Q . 3.32 20.70 18.74
O4 NAG Q . 6.11 21.25 18.88
O5 NAG Q . 6.01 17.70 17.92
O6 NAG Q . 8.68 19.88 17.60
O7 NAG Q . 1.72 16.72 18.40
C1 NAG R . 35.81 15.05 -16.90
C2 NAG R . 35.73 15.19 -18.42
C3 NAG R . 35.06 13.98 -19.07
C4 NAG R . 36.02 12.85 -18.82
C5 NAG R . 36.04 12.63 -17.32
C6 NAG R . 37.11 11.60 -16.96
C7 NAG R . 35.76 17.47 -19.28
C8 NAG R . 34.97 18.67 -19.75
N2 NAG R . 35.06 16.41 -18.86
O3 NAG R . 34.80 14.11 -20.47
O4 NAG R . 35.53 11.74 -19.52
O5 NAG R . 36.36 13.80 -16.57
O6 NAG R . 36.58 10.69 -16.02
O7 NAG R . 37.00 17.49 -19.28
CA CA S . 33.49 9.37 0.06
CA CA T . 6.76 9.90 0.86
S SO4 U . 23.17 10.32 -14.49
O1 SO4 U . 23.97 9.83 -15.64
O2 SO4 U . 22.80 9.17 -13.62
O3 SO4 U . 21.93 10.97 -14.95
O4 SO4 U . 24.03 11.33 -13.81
CHA HEM V . 17.35 3.82 -2.11
CHB HEM V . 19.58 0.76 0.82
CHC HEM V . 19.79 4.31 4.11
CHD HEM V . 18.78 7.49 0.70
C1A HEM V . 17.93 2.68 -1.60
C2A HEM V . 17.97 1.41 -2.24
C3A HEM V . 18.61 0.56 -1.42
C4A HEM V . 18.97 1.30 -0.28
CMA HEM V . 18.86 -0.89 -1.75
CAA HEM V . 17.41 1.01 -3.59
CBA HEM V . 18.55 0.80 -4.60
CGA HEM V . 18.05 0.02 -5.81
O1A HEM V . 17.71 0.64 -6.86
O2A HEM V . 17.97 -1.24 -5.77
C1B HEM V . 19.78 1.46 2.02
C2B HEM V . 20.20 0.87 3.23
C3B HEM V . 20.27 1.84 4.15
C4B HEM V . 19.81 3.07 3.48
CMB HEM V . 20.58 -0.55 3.50
CAB HEM V . 20.59 1.65 5.56
CBB HEM V . 19.99 2.42 6.48
C1C HEM V . 19.65 5.53 3.46
C2C HEM V . 20.07 6.79 3.91
C3C HEM V . 19.80 7.71 2.92
C4C HEM V . 19.22 6.98 1.85
CMC HEM V . 20.70 7.09 5.25
CAC HEM V . 19.97 9.19 2.94
CBC HEM V . 20.23 9.93 4.02
C1D HEM V . 18.25 6.70 -0.29
C2D HEM V . 17.59 7.29 -1.47
C3D HEM V . 17.19 6.26 -2.26
C4D HEM V . 17.59 5.06 -1.54
CMD HEM V . 17.42 8.75 -1.76
CAD HEM V . 16.47 6.32 -3.60
CBD HEM V . 17.46 6.24 -4.78
CGD HEM V . 16.85 6.75 -6.06
O1D HEM V . 15.61 6.92 -6.11
O2D HEM V . 17.56 7.03 -7.07
NA HEM V . 18.55 2.58 -0.38
NB HEM V . 19.56 2.75 2.24
NC HEM V . 19.17 5.67 2.19
ND HEM V . 18.23 5.37 -0.38
FE HEM V . 18.86 4.11 0.88
C1 EDO W . -1.80 2.94 12.39
O1 EDO W . -1.89 3.92 11.31
C2 EDO W . -0.32 2.60 12.71
O2 EDO W . -0.24 1.59 13.74
#